data_7RML
#
_entry.id   7RML
#
_cell.length_a   140.444
_cell.length_b   146.598
_cell.length_c   86.900
_cell.angle_alpha   90.000
_cell.angle_beta   90.000
_cell.angle_gamma   90.000
#
_symmetry.space_group_name_H-M   'C 2 2 21'
#
loop_
_entity.id
_entity.type
_entity.pdbx_description
1 polymer '5,10-methylenetetrahydrofolate reductase'
2 non-polymer 'FLAVIN-ADENINE DINUCLEOTIDE'
3 water water
#
_entity_poly.entity_id   1
_entity_poly.type   'polypeptide(L)'
_entity_poly.pdbx_seq_one_letter_code
;MNYAKEINALNNSLSDLKGDINVSFEFFPPKNEQMETMLWDSIHRLQTLHPKFVSVTYGANSGERDRTHGIVKRIKQETG
LEAAPHLTGIDASPDELRQIAKDYWDSGIRRIVALRGDEPAGYEKKPFYAEDLVKLLRSVADFDISVAAYPEVHPEAKSA
QADLINLKRKIDAGANHVITQFFFDVERYLRFRDRCVMLGIDVEIVPGILPVTNFKQLGKMAQVTNVKIPSWLSQMYEGL
DDDQGTRNLVAASIAIDMVKVLSREGVKDFHFYTLNRSELTYAICHILGVRPHHHHHH
;
_entity_poly.pdbx_strand_id   A,B,C
#
loop_
_chem_comp.id
_chem_comp.type
_chem_comp.name
_chem_comp.formula
FAD non-polymer 'FLAVIN-ADENINE DINUCLEOTIDE' 'C27 H33 N9 O15 P2'
#
# COMPACT_ATOMS: atom_id res chain seq x y z
N ASN A 2 45.58 -8.94 -0.25
CA ASN A 2 45.46 -10.34 -0.66
C ASN A 2 44.01 -10.81 -0.57
N TYR A 3 43.12 -10.16 -1.36
CA TYR A 3 41.71 -10.51 -1.31
C TYR A 3 41.40 -11.77 -2.11
N ALA A 4 42.07 -11.97 -3.24
CA ALA A 4 41.80 -13.13 -4.07
C ALA A 4 42.15 -14.42 -3.35
N LYS A 5 43.16 -14.40 -2.48
CA LYS A 5 43.49 -15.56 -1.67
C LYS A 5 42.52 -15.73 -0.50
N GLU A 6 42.06 -14.63 0.09
CA GLU A 6 41.15 -14.70 1.22
C GLU A 6 39.77 -15.22 0.79
N ILE A 7 39.28 -14.79 -0.37
CA ILE A 7 38.01 -15.27 -0.87
C ILE A 7 38.08 -16.75 -1.22
N ASN A 8 39.24 -17.24 -1.64
CA ASN A 8 39.37 -18.66 -1.98
C ASN A 8 39.38 -19.54 -0.74
N ALA A 9 40.05 -19.10 0.33
CA ALA A 9 40.06 -19.88 1.56
C ALA A 9 38.72 -19.81 2.28
N LEU A 10 38.02 -18.68 2.13
CA LEU A 10 36.67 -18.56 2.67
C LEU A 10 35.73 -19.57 2.02
N ASN A 11 35.93 -19.87 0.73
CA ASN A 11 35.07 -20.83 0.05
C ASN A 11 35.50 -22.26 0.30
N ASN A 12 36.80 -22.51 0.49
CA ASN A 12 37.25 -23.86 0.82
C ASN A 12 36.80 -24.29 2.21
N SER A 13 36.52 -23.34 3.10
CA SER A 13 36.07 -23.69 4.45
C SER A 13 34.66 -24.25 4.46
N LEU A 14 33.81 -23.78 3.54
CA LEU A 14 32.46 -24.34 3.43
C LEU A 14 32.52 -25.85 3.19
N SER A 15 33.50 -26.30 2.40
CA SER A 15 33.71 -27.72 2.19
C SER A 15 34.52 -28.37 3.30
N ASP A 16 34.76 -27.65 4.39
CA ASP A 16 35.43 -28.18 5.58
C ASP A 16 34.47 -28.20 6.76
N LEU A 17 33.20 -28.50 6.49
CA LEU A 17 32.16 -28.60 7.50
C LEU A 17 30.99 -29.34 6.90
N LYS A 18 30.25 -30.07 7.74
CA LYS A 18 29.12 -30.84 7.22
C LYS A 18 28.31 -31.38 8.38
N GLY A 19 26.99 -31.36 8.23
CA GLY A 19 26.10 -32.06 9.12
C GLY A 19 25.85 -31.42 10.46
N ASP A 20 26.55 -30.33 10.79
CA ASP A 20 26.39 -29.67 12.07
C ASP A 20 25.61 -28.36 11.99
N ILE A 21 25.19 -27.95 10.79
CA ILE A 21 24.58 -26.63 10.63
C ILE A 21 23.10 -26.74 10.96
N ASN A 22 22.68 -26.07 12.03
CA ASN A 22 21.27 -25.97 12.35
C ASN A 22 20.70 -24.70 11.74
N VAL A 23 19.49 -24.79 11.18
CA VAL A 23 18.82 -23.66 10.57
C VAL A 23 17.39 -23.59 11.06
N SER A 24 16.86 -22.37 11.14
CA SER A 24 15.48 -22.12 11.54
C SER A 24 14.90 -20.99 10.70
N PHE A 25 13.63 -21.12 10.32
CA PHE A 25 12.97 -20.17 9.44
C PHE A 25 11.87 -19.43 10.19
N GLU A 26 11.62 -18.19 9.79
CA GLU A 26 10.62 -17.36 10.43
C GLU A 26 9.61 -16.88 9.40
N PHE A 27 8.33 -17.06 9.70
CA PHE A 27 7.25 -16.60 8.85
C PHE A 27 6.35 -15.65 9.65
N PHE A 28 5.49 -14.94 8.93
CA PHE A 28 4.50 -14.08 9.56
C PHE A 28 3.11 -14.47 9.08
N PRO A 29 2.08 -14.16 9.85
CA PRO A 29 0.71 -14.51 9.45
C PRO A 29 0.31 -13.84 8.15
N PRO A 30 -0.13 -14.61 7.16
CA PRO A 30 -0.55 -14.02 5.89
C PRO A 30 -1.76 -13.12 6.07
N LYS A 31 -1.65 -11.89 5.55
CA LYS A 31 -2.74 -10.94 5.68
C LYS A 31 -3.90 -11.32 4.74
N ASN A 32 -3.63 -11.36 3.45
CA ASN A 32 -4.66 -11.65 2.47
C ASN A 32 -4.66 -13.16 2.19
N GLU A 33 -5.25 -13.57 1.05
CA GLU A 33 -5.28 -14.97 0.67
C GLU A 33 -4.25 -15.32 -0.39
N GLN A 34 -3.81 -14.34 -1.19
CA GLN A 34 -2.69 -14.59 -2.09
C GLN A 34 -1.39 -14.79 -1.33
N MET A 35 -1.25 -14.14 -0.18
CA MET A 35 -0.10 -14.38 0.67
C MET A 35 -0.18 -15.76 1.33
N GLU A 36 -1.40 -16.27 1.57
CA GLU A 36 -1.54 -17.62 2.10
C GLU A 36 -0.92 -18.65 1.15
N THR A 37 -1.09 -18.45 -0.15
CA THR A 37 -0.50 -19.38 -1.11
C THR A 37 1.03 -19.28 -1.10
N MET A 38 1.56 -18.06 -1.00
CA MET A 38 3.01 -17.90 -1.00
C MET A 38 3.64 -18.54 0.24
N LEU A 39 2.98 -18.40 1.39
CA LEU A 39 3.53 -18.96 2.63
C LEU A 39 3.58 -20.48 2.55
N TRP A 40 2.49 -21.11 2.14
CA TRP A 40 2.47 -22.56 2.12
C TRP A 40 3.27 -23.14 0.97
N ASP A 41 3.48 -22.36 -0.10
CA ASP A 41 4.48 -22.75 -1.09
C ASP A 41 5.88 -22.68 -0.50
N SER A 42 6.18 -21.60 0.24
CA SER A 42 7.48 -21.46 0.87
C SER A 42 7.71 -22.53 1.93
N ILE A 43 6.67 -22.89 2.67
CA ILE A 43 6.81 -23.94 3.69
C ILE A 43 7.15 -25.26 3.05
N HIS A 44 6.45 -25.61 1.95
CA HIS A 44 6.70 -26.87 1.28
C HIS A 44 8.11 -26.94 0.69
N ARG A 45 8.63 -25.80 0.21
CA ARG A 45 9.99 -25.79 -0.32
C ARG A 45 11.00 -25.90 0.80
N LEU A 46 10.79 -25.15 1.89
CA LEU A 46 11.78 -25.11 2.96
C LEU A 46 11.73 -26.32 3.88
N GLN A 47 10.59 -27.02 3.95
CA GLN A 47 10.49 -28.16 4.87
C GLN A 47 11.43 -29.30 4.48
N THR A 48 11.80 -29.39 3.21
CA THR A 48 12.75 -30.42 2.79
C THR A 48 14.12 -30.23 3.40
N LEU A 49 14.41 -29.06 3.96
CA LEU A 49 15.68 -28.78 4.62
C LEU A 49 15.73 -29.28 6.05
N HIS A 50 14.64 -29.87 6.55
CA HIS A 50 14.51 -30.37 7.92
C HIS A 50 15.11 -29.42 8.93
N PRO A 51 14.55 -28.22 9.09
CA PRO A 51 15.14 -27.26 10.02
C PRO A 51 14.91 -27.67 11.47
N LYS A 52 15.69 -27.05 12.36
CA LYS A 52 15.51 -27.31 13.79
C LYS A 52 14.11 -26.93 14.24
N PHE A 53 13.59 -25.82 13.74
CA PHE A 53 12.22 -25.41 13.99
C PHE A 53 11.90 -24.26 13.04
N VAL A 54 10.61 -23.96 12.91
CA VAL A 54 10.15 -22.76 12.22
C VAL A 54 9.33 -21.96 13.21
N SER A 55 9.34 -20.65 13.06
CA SER A 55 8.64 -19.76 13.97
C SER A 55 7.66 -18.88 13.23
N VAL A 56 6.63 -18.44 13.94
CA VAL A 56 5.57 -17.59 13.40
C VAL A 56 5.46 -16.35 14.27
N THR A 57 5.56 -15.17 13.65
CA THR A 57 5.46 -13.94 14.41
C THR A 57 4.02 -13.68 14.86
N TYR A 58 3.87 -12.82 15.87
CA TYR A 58 2.58 -12.52 16.46
C TYR A 58 2.41 -11.00 16.54
N GLY A 59 1.48 -10.48 15.76
CA GLY A 59 1.10 -9.07 15.84
C GLY A 59 -0.06 -8.85 16.79
N ALA A 60 -0.55 -7.61 16.79
CA ALA A 60 -1.68 -7.24 17.65
C ALA A 60 -2.89 -6.81 16.82
N ASP A 66 -5.33 -14.52 17.40
CA ASP A 66 -4.73 -15.84 17.50
C ASP A 66 -4.48 -16.45 16.13
N ARG A 67 -4.16 -15.59 15.16
CA ARG A 67 -3.78 -16.06 13.83
C ARG A 67 -2.49 -16.87 13.91
N THR A 68 -1.57 -16.47 14.79
CA THR A 68 -0.29 -17.16 14.92
C THR A 68 -0.48 -18.60 15.40
N HIS A 69 -1.35 -18.80 16.39
CA HIS A 69 -1.51 -20.11 16.99
C HIS A 69 -2.08 -21.12 16.00
N GLY A 70 -3.01 -20.69 15.16
CA GLY A 70 -3.58 -21.59 14.17
C GLY A 70 -2.57 -22.02 13.12
N ILE A 71 -1.67 -21.10 12.73
CA ILE A 71 -0.65 -21.43 11.73
C ILE A 71 0.34 -22.42 12.31
N VAL A 72 0.81 -22.18 13.53
CA VAL A 72 1.69 -23.13 14.20
C VAL A 72 1.04 -24.50 14.26
N LYS A 73 -0.28 -24.54 14.47
CA LYS A 73 -0.99 -25.81 14.49
C LYS A 73 -0.99 -26.44 13.10
N ARG A 74 -1.31 -25.66 12.06
CA ARG A 74 -1.33 -26.19 10.70
C ARG A 74 0.06 -26.65 10.27
N ILE A 75 1.11 -25.96 10.72
CA ILE A 75 2.46 -26.36 10.35
C ILE A 75 2.81 -27.70 10.98
N LYS A 76 2.50 -27.88 12.27
CA LYS A 76 2.85 -29.13 12.94
C LYS A 76 2.04 -30.30 12.43
N GLN A 77 0.79 -30.07 11.99
CA GLN A 77 -0.05 -31.18 11.58
C GLN A 77 0.11 -31.53 10.11
N GLU A 78 0.50 -30.57 9.27
CA GLU A 78 0.64 -30.83 7.84
C GLU A 78 2.08 -31.07 7.42
N THR A 79 3.07 -30.67 8.23
CA THR A 79 4.46 -30.86 7.88
C THR A 79 5.27 -31.64 8.90
N GLY A 80 4.81 -31.72 10.15
CA GLY A 80 5.57 -32.39 11.19
C GLY A 80 6.74 -31.60 11.74
N LEU A 81 6.99 -30.40 11.23
CA LEU A 81 8.05 -29.56 11.77
C LEU A 81 7.67 -29.04 13.15
N GLU A 82 8.68 -28.91 14.01
CA GLU A 82 8.47 -28.22 15.28
C GLU A 82 8.25 -26.75 14.99
N ALA A 83 7.02 -26.26 15.19
CA ALA A 83 6.70 -24.86 14.95
C ALA A 83 6.59 -24.13 16.27
N ALA A 84 7.10 -22.91 16.30
CA ALA A 84 7.22 -22.13 17.53
C ALA A 84 6.55 -20.77 17.38
N PRO A 85 5.45 -20.51 18.09
CA PRO A 85 4.83 -19.19 18.01
C PRO A 85 5.62 -18.15 18.79
N HIS A 86 5.55 -16.91 18.33
CA HIS A 86 6.09 -15.80 19.08
C HIS A 86 5.03 -15.30 20.06
N LEU A 87 5.46 -14.98 21.28
CA LEU A 87 4.54 -14.65 22.36
C LEU A 87 4.83 -13.25 22.85
N THR A 88 3.85 -12.36 22.73
CA THR A 88 3.95 -10.98 23.17
C THR A 88 3.34 -10.84 24.55
N GLY A 89 4.09 -10.26 25.48
CA GLY A 89 3.55 -9.99 26.80
C GLY A 89 2.83 -8.67 26.94
N ILE A 90 2.91 -7.82 25.92
CA ILE A 90 2.26 -6.50 25.98
C ILE A 90 0.78 -6.57 25.66
N ASP A 91 0.29 -7.69 25.12
CA ASP A 91 -1.11 -7.79 24.74
C ASP A 91 -2.00 -8.31 25.87
N ALA A 92 -1.52 -9.27 26.65
CA ALA A 92 -2.31 -9.93 27.67
C ALA A 92 -1.74 -9.66 29.06
N SER A 93 -2.38 -10.25 30.06
CA SER A 93 -2.04 -10.14 31.46
C SER A 93 -1.36 -11.42 31.93
N PRO A 94 -0.63 -11.37 33.06
CA PRO A 94 0.06 -12.59 33.53
C PRO A 94 -0.85 -13.80 33.72
N ASP A 95 -2.15 -13.60 33.91
CA ASP A 95 -3.05 -14.74 34.05
C ASP A 95 -3.42 -15.34 32.70
N GLU A 96 -3.72 -14.49 31.72
CA GLU A 96 -4.00 -14.99 30.37
C GLU A 96 -2.78 -15.70 29.79
N LEU A 97 -1.58 -15.21 30.11
CA LEU A 97 -0.36 -15.81 29.56
C LEU A 97 -0.15 -17.22 30.09
N ARG A 98 -0.47 -17.46 31.36
CA ARG A 98 -0.35 -18.81 31.91
C ARG A 98 -1.33 -19.76 31.23
N GLN A 99 -2.54 -19.28 30.94
CA GLN A 99 -3.51 -20.10 30.24
C GLN A 99 -3.03 -20.42 28.83
N ILE A 100 -2.51 -19.42 28.11
CA ILE A 100 -1.97 -19.65 26.77
C ILE A 100 -0.79 -20.61 26.82
N ALA A 101 0.08 -20.44 27.81
CA ALA A 101 1.21 -21.36 27.98
C ALA A 101 0.74 -22.78 28.21
N LYS A 102 -0.30 -22.97 29.02
CA LYS A 102 -0.86 -24.31 29.18
C LYS A 102 -1.54 -24.78 27.90
N ASP A 103 -2.26 -23.89 27.22
CA ASP A 103 -2.91 -24.27 25.97
C ASP A 103 -1.87 -24.63 24.90
N TYR A 104 -0.79 -23.83 24.81
CA TYR A 104 0.27 -24.14 23.86
C TYR A 104 0.87 -25.51 24.14
N TRP A 105 1.20 -25.78 25.40
CA TRP A 105 1.91 -27.02 25.73
C TRP A 105 1.04 -28.24 25.46
N ASP A 106 -0.26 -28.16 25.73
CA ASP A 106 -1.13 -29.31 25.52
C ASP A 106 -1.42 -29.58 24.05
N SER A 107 -1.02 -28.68 23.14
CA SER A 107 -1.16 -28.91 21.71
C SER A 107 0.11 -29.44 21.07
N GLY A 108 1.15 -29.72 21.86
CA GLY A 108 2.40 -30.25 21.35
C GLY A 108 3.48 -29.22 21.10
N ILE A 109 3.23 -27.96 21.44
CA ILE A 109 4.22 -26.91 21.24
C ILE A 109 5.29 -27.01 22.32
N ARG A 110 6.54 -27.15 21.90
CA ARG A 110 7.65 -27.31 22.82
C ARG A 110 8.66 -26.18 22.75
N ARG A 111 8.42 -25.16 21.92
CA ARG A 111 9.31 -24.02 21.81
C ARG A 111 8.48 -22.76 21.64
N ILE A 112 8.84 -21.71 22.36
CA ILE A 112 8.20 -20.40 22.25
C ILE A 112 9.28 -19.35 22.09
N VAL A 113 9.04 -18.39 21.20
CA VAL A 113 9.91 -17.23 21.04
C VAL A 113 9.33 -16.17 21.98
N ALA A 114 9.84 -16.12 23.20
CA ALA A 114 9.31 -15.20 24.20
C ALA A 114 9.93 -13.82 23.98
N LEU A 115 9.07 -12.83 23.70
CA LEU A 115 9.51 -11.48 23.44
C LEU A 115 8.66 -10.50 24.25
N ARG A 116 9.25 -9.35 24.58
CA ARG A 116 8.46 -8.32 25.25
C ARG A 116 7.31 -7.85 24.37
N GLY A 117 7.60 -7.53 23.11
CA GLY A 117 6.53 -7.10 22.21
C GLY A 117 6.68 -5.69 21.70
N ASP A 118 6.02 -5.37 20.58
CA ASP A 118 6.03 -4.02 20.01
C ASP A 118 4.85 -3.24 20.58
N GLU A 119 5.13 -2.46 21.63
CA GLU A 119 4.07 -1.66 22.23
C GLU A 119 4.08 -0.27 21.61
N PRO A 120 2.93 0.25 21.18
CA PRO A 120 2.85 1.55 20.54
C PRO A 120 2.81 2.67 21.57
N PHE A 128 6.22 -4.22 31.78
CA PHE A 128 6.27 -5.67 31.66
C PHE A 128 7.24 -6.11 30.56
N TYR A 129 8.28 -6.84 30.94
CA TYR A 129 9.38 -7.20 30.05
C TYR A 129 9.41 -8.70 29.82
N ALA A 130 10.31 -9.10 28.93
CA ALA A 130 10.34 -10.50 28.50
C ALA A 130 10.98 -11.41 29.54
N GLU A 131 11.86 -10.88 30.39
CA GLU A 131 12.38 -11.70 31.48
C GLU A 131 11.24 -12.21 32.37
N ASP A 132 10.21 -11.38 32.56
CA ASP A 132 9.04 -11.81 33.31
C ASP A 132 8.24 -12.84 32.52
N LEU A 133 8.15 -12.68 31.20
CA LEU A 133 7.46 -13.65 30.37
C LEU A 133 8.21 -14.99 30.36
N VAL A 134 9.54 -14.94 30.29
CA VAL A 134 10.32 -16.18 30.34
C VAL A 134 10.15 -16.85 31.70
N LYS A 135 10.14 -16.06 32.77
CA LYS A 135 9.89 -16.61 34.09
C LYS A 135 8.51 -17.26 34.17
N LEU A 136 7.51 -16.63 33.54
CA LEU A 136 6.16 -17.18 33.55
C LEU A 136 6.10 -18.52 32.82
N LEU A 137 6.62 -18.56 31.59
CA LEU A 137 6.54 -19.78 30.79
C LEU A 137 7.21 -20.96 31.50
N ARG A 138 8.40 -20.73 32.06
CA ARG A 138 9.11 -21.79 32.75
C ARG A 138 8.30 -22.33 33.93
N SER A 139 7.55 -21.45 34.61
CA SER A 139 6.74 -21.91 35.72
C SER A 139 5.61 -22.83 35.25
N VAL A 140 5.09 -22.60 34.04
CA VAL A 140 3.99 -23.41 33.54
C VAL A 140 4.49 -24.78 33.11
N ALA A 141 5.48 -24.82 32.24
CA ALA A 141 5.96 -26.08 31.68
C ALA A 141 7.41 -25.94 31.25
N ASP A 142 7.96 -27.03 30.75
CA ASP A 142 9.38 -27.11 30.40
C ASP A 142 9.56 -26.92 28.90
N PHE A 143 9.30 -25.70 28.45
CA PHE A 143 9.54 -25.36 27.05
C PHE A 143 11.01 -25.03 26.83
N ASP A 144 11.43 -25.08 25.56
CA ASP A 144 12.61 -24.36 25.14
C ASP A 144 12.18 -22.94 24.79
N ILE A 145 12.89 -21.96 25.33
CA ILE A 145 12.51 -20.55 25.17
C ILE A 145 13.61 -19.83 24.41
N SER A 146 13.25 -19.26 23.26
CA SER A 146 14.15 -18.45 22.45
C SER A 146 13.89 -16.98 22.75
N VAL A 147 14.96 -16.24 23.04
CA VAL A 147 14.86 -14.82 23.36
C VAL A 147 15.62 -14.01 22.32
N ALA A 148 15.33 -12.72 22.29
CA ALA A 148 15.91 -11.81 21.32
C ALA A 148 17.18 -11.18 21.86
N ALA A 149 18.20 -11.11 21.00
CA ALA A 149 19.43 -10.38 21.29
C ALA A 149 19.59 -9.26 20.27
N TYR A 150 20.21 -8.16 20.70
CA TYR A 150 20.38 -6.97 19.88
C TYR A 150 21.85 -6.60 19.84
N PRO A 151 22.61 -7.11 18.87
CA PRO A 151 24.05 -6.76 18.80
C PRO A 151 24.28 -5.28 18.63
N GLU A 152 23.34 -4.55 18.00
CA GLU A 152 23.40 -3.11 17.90
C GLU A 152 22.55 -2.42 18.98
N VAL A 153 22.17 -3.16 20.02
CA VAL A 153 21.47 -2.66 21.21
C VAL A 153 20.02 -2.33 20.88
N HIS A 154 19.11 -2.75 21.75
CA HIS A 154 17.68 -2.50 21.54
C HIS A 154 17.41 -1.00 21.65
N PRO A 155 16.47 -0.47 20.85
CA PRO A 155 16.30 1.00 20.80
C PRO A 155 15.85 1.66 22.10
N GLU A 156 15.34 0.90 23.06
CA GLU A 156 14.78 1.48 24.28
C GLU A 156 15.55 1.09 25.54
N ALA A 157 16.71 0.49 25.41
CA ALA A 157 17.49 0.09 26.58
C ALA A 157 18.05 1.32 27.29
N LYS A 158 18.24 1.19 28.61
CA LYS A 158 18.85 2.27 29.37
C LYS A 158 20.29 2.53 28.93
N SER A 159 20.99 1.48 28.52
CA SER A 159 22.34 1.59 27.98
C SER A 159 22.68 0.27 27.30
N ALA A 160 23.78 0.29 26.55
CA ALA A 160 24.30 -0.94 25.96
C ALA A 160 24.69 -1.94 27.06
N GLN A 161 25.11 -1.44 28.22
CA GLN A 161 25.43 -2.33 29.33
C GLN A 161 24.18 -3.00 29.86
N ALA A 162 23.06 -2.28 29.91
CA ALA A 162 21.84 -2.83 30.49
C ALA A 162 21.19 -3.86 29.57
N ASP A 163 21.20 -3.59 28.26
CA ASP A 163 20.61 -4.53 27.32
C ASP A 163 21.34 -5.87 27.33
N LEU A 164 22.65 -5.84 27.62
CA LEU A 164 23.40 -7.09 27.68
C LEU A 164 23.11 -7.84 28.97
N ILE A 165 22.87 -7.11 30.06
CA ILE A 165 22.49 -7.76 31.32
C ILE A 165 21.09 -8.35 31.20
N ASN A 166 20.19 -7.63 30.53
CA ASN A 166 18.83 -8.14 30.35
C ASN A 166 18.83 -9.49 29.65
N LEU A 167 19.60 -9.62 28.57
CA LEU A 167 19.72 -10.91 27.90
C LEU A 167 20.31 -11.95 28.84
N LYS A 168 21.27 -11.55 29.66
CA LYS A 168 21.84 -12.46 30.66
C LYS A 168 20.78 -12.89 31.67
N ARG A 169 19.92 -11.96 32.08
CA ARG A 169 18.85 -12.31 33.01
C ARG A 169 17.82 -13.22 32.33
N LYS A 170 17.54 -13.00 31.06
CA LYS A 170 16.61 -13.85 30.34
C LYS A 170 17.13 -15.28 30.24
N ILE A 171 18.45 -15.45 30.10
CA ILE A 171 19.03 -16.78 30.12
C ILE A 171 18.96 -17.37 31.53
N ASP A 172 19.28 -16.55 32.55
CA ASP A 172 19.20 -17.03 33.92
C ASP A 172 17.77 -17.41 34.30
N ALA A 173 16.78 -16.80 33.64
CA ALA A 173 15.39 -17.08 33.95
C ALA A 173 14.89 -18.39 33.35
N GLY A 174 15.64 -19.00 32.43
CA GLY A 174 15.23 -20.28 31.89
C GLY A 174 15.31 -20.41 30.37
N ALA A 175 15.61 -19.33 29.67
CA ALA A 175 15.74 -19.39 28.22
C ALA A 175 16.98 -20.18 27.82
N ASN A 176 16.84 -20.99 26.78
CA ASN A 176 17.92 -21.85 26.31
C ASN A 176 18.24 -21.64 24.84
N HIS A 177 17.83 -20.50 24.27
CA HIS A 177 18.08 -20.22 22.87
C HIS A 177 18.01 -18.72 22.66
N VAL A 178 18.92 -18.19 21.83
CA VAL A 178 19.04 -16.76 21.61
C VAL A 178 19.06 -16.51 20.10
N ILE A 179 18.22 -15.58 19.66
CA ILE A 179 18.13 -15.20 18.25
C ILE A 179 18.35 -13.70 18.16
N THR A 180 19.23 -13.28 17.26
CA THR A 180 19.60 -11.87 17.15
C THR A 180 18.70 -11.16 16.15
N GLN A 181 18.50 -9.86 16.38
CA GLN A 181 18.00 -8.99 15.35
C GLN A 181 18.91 -9.05 14.14
N PHE A 182 18.35 -8.87 12.95
CA PHE A 182 19.15 -8.93 11.74
C PHE A 182 20.19 -7.80 11.75
N PHE A 183 21.32 -8.05 11.09
CA PHE A 183 22.42 -7.10 11.07
C PHE A 183 23.07 -7.15 9.69
N PHE A 184 23.93 -6.17 9.44
CA PHE A 184 24.70 -6.14 8.20
C PHE A 184 26.17 -5.82 8.40
N ASP A 185 26.59 -5.41 9.60
CA ASP A 185 28.00 -5.34 9.97
C ASP A 185 28.30 -6.58 10.79
N VAL A 186 28.95 -7.55 10.16
CA VAL A 186 29.21 -8.83 10.82
C VAL A 186 30.15 -8.67 12.01
N GLU A 187 31.05 -7.68 11.95
CA GLU A 187 31.99 -7.50 13.06
C GLU A 187 31.27 -7.17 14.36
N ARG A 188 30.19 -6.38 14.29
CA ARG A 188 29.49 -6.02 15.51
C ARG A 188 28.68 -7.19 16.08
N TYR A 189 28.31 -8.17 15.24
CA TYR A 189 27.76 -9.41 15.77
C TYR A 189 28.84 -10.21 16.49
N LEU A 190 30.03 -10.27 15.91
CA LEU A 190 31.12 -11.03 16.53
C LEU A 190 31.58 -10.38 17.83
N ARG A 191 31.62 -9.05 17.87
CA ARG A 191 31.88 -8.36 19.12
C ARG A 191 30.82 -8.70 20.15
N PHE A 192 29.55 -8.68 19.74
CA PHE A 192 28.46 -8.99 20.65
C PHE A 192 28.56 -10.43 21.17
N ARG A 193 28.87 -11.37 20.27
CA ARG A 193 28.99 -12.76 20.70
C ARG A 193 30.18 -12.96 21.62
N ASP A 194 31.28 -12.23 21.39
CA ASP A 194 32.42 -12.32 22.29
C ASP A 194 32.06 -11.78 23.67
N ARG A 195 31.24 -10.73 23.73
CA ARG A 195 30.82 -10.22 25.03
C ARG A 195 29.87 -11.17 25.73
N CYS A 196 29.04 -11.88 24.98
CA CYS A 196 28.14 -12.86 25.58
C CYS A 196 28.91 -14.05 26.15
N VAL A 197 30.01 -14.43 25.49
CA VAL A 197 30.84 -15.50 26.03
C VAL A 197 31.60 -15.01 27.26
N MET A 198 31.93 -13.72 27.31
CA MET A 198 32.57 -13.17 28.49
C MET A 198 31.64 -13.23 29.70
N LEU A 199 30.37 -12.86 29.52
CA LEU A 199 29.39 -12.95 30.59
C LEU A 199 29.06 -14.40 30.98
N GLY A 200 29.56 -15.38 30.24
CA GLY A 200 29.29 -16.77 30.55
C GLY A 200 28.02 -17.33 29.98
N ILE A 201 27.40 -16.66 29.01
CA ILE A 201 26.18 -17.17 28.37
C ILE A 201 26.58 -18.39 27.53
N ASP A 202 26.21 -19.58 28.01
CA ASP A 202 26.69 -20.81 27.40
C ASP A 202 26.00 -21.15 26.07
N VAL A 203 24.81 -20.62 25.83
CA VAL A 203 24.16 -20.86 24.54
C VAL A 203 24.83 -20.00 23.46
N GLU A 204 24.71 -20.45 22.22
CA GLU A 204 25.26 -19.68 21.12
C GLU A 204 24.25 -18.64 20.66
N ILE A 205 24.77 -17.48 20.25
CA ILE A 205 23.96 -16.36 19.82
C ILE A 205 23.66 -16.57 18.35
N VAL A 206 22.46 -17.09 18.06
CA VAL A 206 22.09 -17.46 16.70
C VAL A 206 21.83 -16.20 15.87
N PRO A 207 22.63 -15.92 14.85
CA PRO A 207 22.44 -14.70 14.05
C PRO A 207 21.17 -14.81 13.20
N GLY A 208 20.35 -13.77 13.26
CA GLY A 208 19.22 -13.66 12.37
C GLY A 208 19.61 -13.07 11.03
N ILE A 209 19.35 -13.81 9.95
CA ILE A 209 19.74 -13.39 8.61
C ILE A 209 18.48 -12.91 7.88
N LEU A 210 18.50 -11.65 7.43
CA LEU A 210 17.40 -11.10 6.65
C LEU A 210 17.86 -10.86 5.21
N PRO A 211 17.59 -11.77 4.28
CA PRO A 211 17.92 -11.50 2.87
C PRO A 211 17.18 -10.27 2.37
N VAL A 212 17.94 -9.31 1.84
CA VAL A 212 17.38 -8.05 1.41
C VAL A 212 16.70 -8.22 0.07
N THR A 213 15.48 -8.76 0.09
CA THR A 213 14.68 -8.90 -1.13
C THR A 213 13.95 -7.61 -1.49
N ASN A 214 13.88 -6.66 -0.57
CA ASN A 214 13.20 -5.40 -0.80
C ASN A 214 13.91 -4.32 0.02
N PHE A 215 14.39 -3.27 -0.65
CA PHE A 215 15.12 -2.23 0.05
C PHE A 215 14.21 -1.18 0.68
N LYS A 216 13.09 -0.85 0.03
CA LYS A 216 12.14 0.08 0.61
C LYS A 216 11.51 -0.51 1.88
N GLN A 217 11.22 -1.81 1.86
CA GLN A 217 10.70 -2.45 3.06
C GLN A 217 11.77 -2.57 4.13
N LEU A 218 13.02 -2.85 3.72
CA LEU A 218 14.12 -2.90 4.67
C LEU A 218 14.30 -1.56 5.37
N GLY A 219 14.18 -0.46 4.62
CA GLY A 219 14.31 0.85 5.22
C GLY A 219 13.29 1.10 6.31
N LYS A 220 12.10 0.48 6.19
CA LYS A 220 11.09 0.63 7.23
C LYS A 220 11.44 -0.20 8.46
N MET A 221 11.85 -1.46 8.23
CA MET A 221 12.24 -2.31 9.35
C MET A 221 13.43 -1.73 10.10
N ALA A 222 14.50 -1.40 9.36
CA ALA A 222 15.68 -0.82 9.98
C ALA A 222 15.35 0.49 10.69
N GLN A 223 14.36 1.23 10.18
CA GLN A 223 13.93 2.45 10.86
C GLN A 223 13.38 2.15 12.24
N VAL A 224 12.49 1.16 12.33
CA VAL A 224 11.89 0.79 13.61
C VAL A 224 12.91 0.08 14.51
N THR A 225 13.79 -0.72 13.91
CA THR A 225 14.63 -1.65 14.67
C THR A 225 15.95 -1.04 15.16
N ASN A 226 16.27 0.20 14.75
CA ASN A 226 17.52 0.89 15.10
C ASN A 226 18.74 0.22 14.48
N VAL A 227 18.54 -0.70 13.54
CA VAL A 227 19.66 -1.37 12.88
C VAL A 227 20.27 -0.43 11.86
N LYS A 228 21.61 -0.33 11.88
CA LYS A 228 22.32 0.57 10.99
C LYS A 228 22.45 -0.05 9.60
N ILE A 229 21.95 0.64 8.59
CA ILE A 229 22.10 0.22 7.19
C ILE A 229 23.42 0.78 6.68
N PRO A 230 24.35 -0.05 6.23
CA PRO A 230 25.64 0.47 5.75
C PRO A 230 25.49 1.31 4.50
N SER A 231 26.48 2.17 4.29
CA SER A 231 26.49 3.03 3.11
C SER A 231 26.60 2.22 1.83
N TRP A 232 27.39 1.14 1.84
CA TRP A 232 27.57 0.35 0.63
C TRP A 232 26.30 -0.41 0.27
N LEU A 233 25.49 -0.77 1.25
CA LEU A 233 24.27 -1.52 0.95
C LEU A 233 23.24 -0.65 0.26
N SER A 234 23.16 0.63 0.63
CA SER A 234 22.25 1.54 -0.07
C SER A 234 22.68 1.77 -1.51
N GLN A 235 23.99 1.89 -1.75
CA GLN A 235 24.48 2.12 -3.09
C GLN A 235 24.28 0.90 -3.99
N MET A 236 24.05 -0.27 -3.42
CA MET A 236 23.81 -1.47 -4.22
C MET A 236 22.36 -1.61 -4.66
N TYR A 237 21.42 -0.97 -3.96
CA TYR A 237 20.00 -1.15 -4.24
C TYR A 237 19.34 0.07 -4.87
N GLU A 238 19.98 1.24 -4.84
CA GLU A 238 19.40 2.42 -5.45
C GLU A 238 19.22 2.19 -6.95
N GLY A 239 17.99 2.37 -7.42
CA GLY A 239 17.64 2.12 -8.81
C GLY A 239 17.00 0.76 -9.06
N LEU A 240 16.99 -0.13 -8.07
CA LEU A 240 16.43 -1.47 -8.22
C LEU A 240 15.04 -1.58 -7.61
N ASP A 241 14.33 -0.46 -7.41
CA ASP A 241 13.05 -0.50 -6.73
C ASP A 241 11.95 -1.16 -7.55
N ASP A 242 12.23 -1.54 -8.81
CA ASP A 242 11.24 -2.19 -9.66
C ASP A 242 11.72 -3.51 -10.22
N ASP A 243 12.94 -3.94 -9.90
CA ASP A 243 13.53 -5.15 -10.49
C ASP A 243 13.73 -6.17 -9.37
N GLN A 244 12.75 -7.06 -9.18
CA GLN A 244 12.88 -8.09 -8.17
C GLN A 244 13.95 -9.11 -8.56
N GLY A 245 14.10 -9.42 -9.84
CA GLY A 245 15.09 -10.39 -10.26
C GLY A 245 16.50 -9.97 -9.89
N THR A 246 16.83 -8.69 -10.07
CA THR A 246 18.17 -8.23 -9.74
C THR A 246 18.34 -8.08 -8.24
N ARG A 247 17.28 -7.64 -7.54
CA ARG A 247 17.35 -7.51 -6.09
C ARG A 247 17.68 -8.85 -5.44
N ASN A 248 17.18 -9.96 -6.00
CA ASN A 248 17.47 -11.26 -5.43
C ASN A 248 18.92 -11.66 -5.68
N LEU A 249 19.43 -11.38 -6.88
CA LEU A 249 20.83 -11.70 -7.19
C LEU A 249 21.78 -10.90 -6.31
N VAL A 250 21.44 -9.63 -6.06
CA VAL A 250 22.25 -8.82 -5.15
C VAL A 250 22.13 -9.34 -3.72
N ALA A 251 20.90 -9.67 -3.30
CA ALA A 251 20.71 -10.17 -1.94
C ALA A 251 21.44 -11.49 -1.74
N ALA A 252 21.44 -12.35 -2.76
CA ALA A 252 22.13 -13.63 -2.64
C ALA A 252 23.62 -13.44 -2.39
N SER A 253 24.22 -12.44 -3.04
CA SER A 253 25.62 -12.14 -2.79
C SER A 253 25.84 -11.64 -1.36
N ILE A 254 24.96 -10.74 -0.89
CA ILE A 254 25.17 -10.14 0.42
C ILE A 254 24.96 -11.17 1.52
N ALA A 255 23.92 -11.98 1.41
CA ALA A 255 23.62 -12.94 2.47
C ALA A 255 24.62 -14.09 2.48
N ILE A 256 25.00 -14.58 1.30
CA ILE A 256 25.97 -15.68 1.24
C ILE A 256 27.31 -15.24 1.83
N ASP A 257 27.73 -14.00 1.52
CA ASP A 257 28.98 -13.49 2.08
C ASP A 257 28.94 -13.48 3.61
N MET A 258 27.83 -13.03 4.18
CA MET A 258 27.70 -13.00 5.64
C MET A 258 27.79 -14.40 6.23
N VAL A 259 27.02 -15.35 5.68
CA VAL A 259 26.97 -16.66 6.30
C VAL A 259 28.27 -17.42 6.04
N LYS A 260 28.98 -17.11 4.96
CA LYS A 260 30.31 -17.68 4.77
C LYS A 260 31.27 -17.16 5.84
N VAL A 261 31.28 -15.84 6.04
CA VAL A 261 32.10 -15.26 7.11
C VAL A 261 31.66 -15.80 8.47
N LEU A 262 30.35 -15.83 8.72
CA LEU A 262 29.84 -16.32 10.00
C LEU A 262 30.22 -17.78 10.23
N SER A 263 30.08 -18.61 9.19
CA SER A 263 30.45 -20.01 9.30
C SER A 263 31.94 -20.22 9.51
N ARG A 264 32.76 -19.24 9.10
CA ARG A 264 34.19 -19.36 9.31
C ARG A 264 34.56 -19.16 10.78
N GLU A 265 33.87 -18.23 11.46
CA GLU A 265 34.15 -17.89 12.85
C GLU A 265 33.53 -18.88 13.84
N GLY A 266 32.93 -19.97 13.38
CA GLY A 266 32.42 -20.99 14.25
C GLY A 266 30.94 -20.95 14.52
N VAL A 267 30.17 -20.20 13.73
CA VAL A 267 28.72 -20.15 13.89
C VAL A 267 28.11 -21.33 13.16
N LYS A 268 27.47 -22.22 13.91
CA LYS A 268 26.84 -23.41 13.33
C LYS A 268 25.32 -23.35 13.43
N ASP A 269 24.75 -22.22 13.84
CA ASP A 269 23.32 -22.05 13.98
C ASP A 269 22.90 -20.78 13.27
N PHE A 270 21.83 -20.85 12.50
CA PHE A 270 21.37 -19.72 11.70
C PHE A 270 19.86 -19.61 11.75
N HIS A 271 19.37 -18.39 11.91
CA HIS A 271 17.94 -18.09 11.87
C HIS A 271 17.68 -17.16 10.70
N PHE A 272 16.63 -17.46 9.92
CA PHE A 272 16.36 -16.75 8.68
C PHE A 272 15.01 -16.04 8.75
N TYR A 273 15.02 -14.74 8.48
CA TYR A 273 13.79 -13.97 8.35
C TYR A 273 13.34 -14.08 6.90
N THR A 274 12.51 -15.09 6.62
CA THR A 274 12.16 -15.42 5.25
C THR A 274 11.21 -14.41 4.62
N LEU A 275 10.43 -13.71 5.43
CA LEU A 275 9.34 -12.86 4.93
C LEU A 275 8.42 -13.65 4.00
N ASN A 276 8.15 -14.90 4.37
CA ASN A 276 7.29 -15.84 3.65
C ASN A 276 7.84 -16.21 2.27
N ARG A 277 9.06 -15.82 1.95
CA ARG A 277 9.69 -16.17 0.68
C ARG A 277 10.74 -17.24 0.91
N SER A 278 10.91 -18.12 -0.08
CA SER A 278 11.76 -19.29 0.10
C SER A 278 12.99 -19.30 -0.79
N GLU A 279 13.00 -18.54 -1.89
CA GLU A 279 14.07 -18.68 -2.87
C GLU A 279 15.42 -18.30 -2.27
N LEU A 280 15.48 -17.25 -1.47
CA LEU A 280 16.74 -16.80 -0.91
C LEU A 280 17.22 -17.73 0.19
N THR A 281 16.35 -18.01 1.17
CA THR A 281 16.74 -18.86 2.29
C THR A 281 17.19 -20.24 1.82
N TYR A 282 16.54 -20.77 0.77
CA TYR A 282 16.91 -22.07 0.24
C TYR A 282 18.31 -22.05 -0.36
N ALA A 283 18.65 -20.98 -1.08
CA ALA A 283 19.98 -20.89 -1.69
C ALA A 283 21.07 -20.69 -0.63
N ILE A 284 20.80 -19.84 0.36
CA ILE A 284 21.78 -19.62 1.43
C ILE A 284 22.04 -20.91 2.19
N CYS A 285 20.98 -21.67 2.50
CA CYS A 285 21.17 -22.94 3.17
C CYS A 285 21.96 -23.91 2.31
N HIS A 286 21.78 -23.85 0.99
CA HIS A 286 22.53 -24.73 0.08
C HIS A 286 24.02 -24.43 0.15
N ILE A 287 24.37 -23.16 0.24
CA ILE A 287 25.77 -22.77 0.37
C ILE A 287 26.36 -23.30 1.67
N LEU A 288 25.57 -23.32 2.75
CA LEU A 288 26.03 -23.81 4.03
C LEU A 288 26.08 -25.32 4.11
N GLY A 289 25.73 -26.02 3.04
CA GLY A 289 25.68 -27.47 3.05
C GLY A 289 24.39 -28.06 3.54
N VAL A 290 23.39 -27.24 3.83
CA VAL A 290 22.09 -27.71 4.27
C VAL A 290 21.26 -27.95 3.01
N ARG A 291 21.18 -29.21 2.60
CA ARG A 291 20.56 -29.59 1.34
C ARG A 291 19.69 -30.81 1.56
N PRO A 292 18.68 -31.04 0.70
CA PRO A 292 17.80 -32.20 0.89
C PRO A 292 18.52 -33.52 1.03
N HIS A 293 19.65 -33.70 0.35
CA HIS A 293 20.35 -34.98 0.35
C HIS A 293 21.51 -35.00 1.34
N HIS A 294 21.53 -34.08 2.31
CA HIS A 294 22.57 -34.08 3.32
C HIS A 294 22.03 -33.67 4.70
N TYR B 3 -30.60 20.24 -3.97
CA TYR B 3 -29.56 20.70 -3.05
C TYR B 3 -29.57 19.87 -1.77
N ALA B 4 -30.77 19.49 -1.32
CA ALA B 4 -30.88 18.61 -0.15
C ALA B 4 -30.27 17.24 -0.44
N LYS B 5 -30.46 16.74 -1.66
CA LYS B 5 -29.89 15.45 -2.03
C LYS B 5 -28.37 15.50 -2.14
N GLU B 6 -27.80 16.68 -2.41
CA GLU B 6 -26.36 16.79 -2.62
C GLU B 6 -25.58 16.50 -1.33
N ILE B 7 -26.01 17.09 -0.21
CA ILE B 7 -25.34 16.85 1.06
C ILE B 7 -25.57 15.41 1.53
N ASN B 8 -26.79 14.90 1.37
CA ASN B 8 -27.06 13.52 1.74
C ASN B 8 -26.21 12.56 0.91
N ALA B 9 -26.02 12.86 -0.37
CA ALA B 9 -25.11 12.05 -1.18
C ALA B 9 -23.66 12.21 -0.70
N LEU B 10 -23.27 13.44 -0.35
CA LEU B 10 -21.92 13.66 0.17
C LEU B 10 -21.69 12.91 1.47
N ASN B 11 -22.74 12.74 2.28
CA ASN B 11 -22.58 12.11 3.59
C ASN B 11 -22.48 10.59 3.47
N ASN B 12 -23.25 9.99 2.58
CA ASN B 12 -23.23 8.55 2.37
C ASN B 12 -21.94 8.07 1.71
N SER B 13 -21.14 8.99 1.16
CA SER B 13 -19.90 8.64 0.50
C SER B 13 -18.76 8.41 1.49
N LEU B 14 -19.00 8.57 2.79
CA LEU B 14 -17.96 8.36 3.78
C LEU B 14 -17.90 6.92 4.27
N SER B 15 -19.03 6.20 4.28
CA SER B 15 -18.99 4.78 4.59
C SER B 15 -18.53 3.94 3.41
N ASP B 16 -18.51 4.53 2.21
CA ASP B 16 -17.98 3.89 1.02
C ASP B 16 -16.52 4.28 0.80
N LEU B 17 -15.82 4.59 1.87
CA LEU B 17 -14.43 5.01 1.82
C LEU B 17 -13.55 4.11 2.64
N LYS B 18 -14.13 3.40 3.61
CA LYS B 18 -13.41 2.41 4.43
C LYS B 18 -12.23 3.15 5.04
N GLY B 19 -11.01 2.64 4.93
CA GLY B 19 -9.84 3.34 5.44
C GLY B 19 -8.77 3.47 4.38
N ASP B 20 -8.91 4.46 3.50
CA ASP B 20 -7.97 4.68 2.41
C ASP B 20 -7.41 6.09 2.41
N ILE B 21 -7.66 6.87 3.44
CA ILE B 21 -7.26 8.27 3.45
C ILE B 21 -5.92 8.40 4.16
N ASN B 22 -5.00 9.12 3.53
CA ASN B 22 -3.71 9.45 4.09
C ASN B 22 -3.73 10.92 4.51
N VAL B 23 -3.16 11.20 5.69
CA VAL B 23 -3.11 12.57 6.20
C VAL B 23 -1.67 12.92 6.54
N SER B 24 -1.40 14.23 6.59
CA SER B 24 -0.09 14.74 6.97
C SER B 24 -0.30 16.08 7.67
N PHE B 25 0.35 16.24 8.82
CA PHE B 25 0.17 17.40 9.68
C PHE B 25 1.38 18.32 9.55
N GLU B 26 1.18 19.61 9.78
CA GLU B 26 2.24 20.60 9.66
C GLU B 26 2.26 21.51 10.88
N PHE B 27 3.45 21.71 11.45
CA PHE B 27 3.64 22.58 12.61
C PHE B 27 4.75 23.57 12.31
N PHE B 28 4.86 24.59 13.16
CA PHE B 28 5.93 25.57 13.05
C PHE B 28 6.62 25.75 14.39
N PRO B 29 7.93 26.03 14.38
CA PRO B 29 8.66 26.26 15.63
C PRO B 29 8.11 27.46 16.38
N PRO B 30 7.68 27.27 17.62
CA PRO B 30 7.01 28.35 18.35
C PRO B 30 7.94 29.52 18.65
N LYS B 31 7.31 30.67 18.93
CA LYS B 31 8.00 31.90 19.30
C LYS B 31 8.10 32.07 20.81
N ASN B 32 7.02 31.84 21.54
CA ASN B 32 7.00 31.96 23.00
C ASN B 32 6.70 30.61 23.62
N GLU B 33 6.60 30.61 24.95
CA GLU B 33 6.32 29.38 25.69
C GLU B 33 4.82 29.23 25.95
N GLU B 36 5.11 27.42 22.74
CA GLU B 36 5.62 26.06 22.88
C GLU B 36 4.65 25.18 23.65
N THR B 37 3.76 25.80 24.43
CA THR B 37 2.78 25.03 25.17
C THR B 37 1.76 24.39 24.25
N MET B 38 1.17 25.17 23.34
CA MET B 38 0.21 24.62 22.40
C MET B 38 0.87 23.69 21.39
N LEU B 39 2.14 23.93 21.07
CA LEU B 39 2.82 23.13 20.06
C LEU B 39 2.95 21.68 20.51
N TRP B 40 3.57 21.46 21.66
CA TRP B 40 3.83 20.09 22.09
C TRP B 40 2.57 19.37 22.54
N ASP B 41 1.60 20.10 23.08
CA ASP B 41 0.31 19.49 23.42
C ASP B 41 -0.40 18.97 22.18
N SER B 42 -0.30 19.69 21.06
CA SER B 42 -1.02 19.29 19.85
C SER B 42 -0.39 18.08 19.17
N ILE B 43 0.94 17.92 19.30
CA ILE B 43 1.58 16.75 18.70
C ILE B 43 1.14 15.48 19.42
N HIS B 44 0.89 15.56 20.73
CA HIS B 44 0.48 14.38 21.48
C HIS B 44 -0.91 13.91 21.07
N ARG B 45 -1.84 14.85 20.86
CA ARG B 45 -3.21 14.47 20.50
C ARG B 45 -3.28 13.91 19.09
N LEU B 46 -2.47 14.43 18.17
CA LEU B 46 -2.50 13.99 16.79
C LEU B 46 -1.76 12.67 16.57
N GLN B 47 -0.74 12.38 17.39
CA GLN B 47 0.11 11.21 17.18
C GLN B 47 -0.68 9.91 17.07
N THR B 48 -1.86 9.85 17.70
CA THR B 48 -2.67 8.63 17.64
C THR B 48 -3.27 8.38 16.26
N LEU B 49 -3.34 9.40 15.41
CA LEU B 49 -3.99 9.29 14.12
C LEU B 49 -3.17 8.55 13.07
N HIS B 50 -1.94 8.17 13.40
CA HIS B 50 -1.05 7.47 12.47
C HIS B 50 -0.92 8.18 11.12
N PRO B 51 -0.44 9.42 11.10
CA PRO B 51 -0.32 10.14 9.82
C PRO B 51 0.87 9.64 9.02
N LYS B 52 0.79 9.88 7.71
CA LYS B 52 1.90 9.51 6.83
C LYS B 52 3.20 10.16 7.28
N PHE B 53 3.13 11.43 7.68
CA PHE B 53 4.27 12.15 8.22
C PHE B 53 3.77 13.44 8.83
N VAL B 54 4.68 14.15 9.51
CA VAL B 54 4.45 15.50 9.99
C VAL B 54 5.61 16.36 9.50
N SER B 55 5.39 17.68 9.51
CA SER B 55 6.40 18.60 9.00
C SER B 55 6.53 19.80 9.92
N VAL B 56 7.69 20.46 9.84
CA VAL B 56 8.02 21.62 10.65
C VAL B 56 8.60 22.68 9.71
N THR B 57 8.00 23.87 9.72
CA THR B 57 8.46 24.94 8.86
C THR B 57 9.82 25.47 9.32
N TYR B 58 10.54 26.08 8.39
CA TYR B 58 11.87 26.63 8.65
C TYR B 58 11.89 28.09 8.24
N GLY B 59 12.15 28.98 9.20
CA GLY B 59 12.22 30.40 8.93
C GLY B 59 13.54 31.03 9.32
N ASP B 66 15.52 30.19 12.60
CA ASP B 66 16.35 29.64 13.65
C ASP B 66 16.67 28.16 13.41
N ARG B 67 17.10 27.48 14.46
CA ARG B 67 17.39 26.05 14.39
C ARG B 67 16.13 25.29 14.78
N THR B 68 15.48 24.68 13.79
CA THR B 68 14.29 23.87 14.02
C THR B 68 14.59 22.39 13.91
N HIS B 69 15.88 22.02 13.97
CA HIS B 69 16.25 20.61 13.99
C HIS B 69 15.96 19.99 15.35
N GLY B 70 15.94 20.81 16.41
CA GLY B 70 15.64 20.26 17.71
C GLY B 70 14.17 20.09 17.97
N ILE B 71 13.35 20.16 16.93
CA ILE B 71 11.94 19.84 17.00
C ILE B 71 11.62 18.62 16.17
N VAL B 72 12.25 18.51 14.99
CA VAL B 72 12.18 17.31 14.17
C VAL B 72 12.83 16.14 14.88
N LYS B 73 13.82 16.42 15.74
CA LYS B 73 14.53 15.35 16.44
C LYS B 73 13.69 14.77 17.57
N ARG B 74 13.02 15.62 18.35
CA ARG B 74 12.19 15.13 19.44
C ARG B 74 11.06 14.26 18.91
N ILE B 75 10.39 14.72 17.86
CA ILE B 75 9.29 13.95 17.27
C ILE B 75 9.79 12.60 16.76
N LYS B 76 10.99 12.57 16.18
CA LYS B 76 11.48 11.33 15.58
C LYS B 76 11.62 10.20 16.61
N GLN B 77 11.95 10.54 17.86
CA GLN B 77 12.14 9.56 18.91
C GLN B 77 10.99 9.54 19.92
N GLU B 78 10.57 10.71 20.41
CA GLU B 78 9.50 10.78 21.40
C GLU B 78 8.15 10.32 20.85
N THR B 79 7.93 10.41 19.53
CA THR B 79 6.65 10.05 18.94
C THR B 79 6.69 8.84 18.01
N GLY B 80 7.82 8.55 17.38
CA GLY B 80 7.88 7.44 16.45
C GLY B 80 7.26 7.73 15.10
N LEU B 81 6.91 8.98 14.83
CA LEU B 81 6.29 9.38 13.57
C LEU B 81 7.36 9.82 12.58
N GLU B 82 7.11 9.57 11.30
CA GLU B 82 8.04 10.05 10.28
C GLU B 82 7.96 11.57 10.23
N ALA B 83 9.09 12.23 10.44
CA ALA B 83 9.15 13.70 10.48
C ALA B 83 9.90 14.21 9.27
N ALA B 84 9.53 15.41 8.81
CA ALA B 84 10.14 16.02 7.63
C ALA B 84 10.34 17.51 7.89
N PRO B 85 11.55 18.03 7.72
CA PRO B 85 11.75 19.47 7.93
C PRO B 85 11.65 20.27 6.64
N HIS B 86 11.23 21.54 6.74
CA HIS B 86 11.18 22.42 5.59
C HIS B 86 12.54 23.06 5.34
N LEU B 87 12.79 23.43 4.09
CA LEU B 87 14.06 24.06 3.70
C LEU B 87 13.85 25.00 2.53
N SER B 93 23.72 28.90 1.25
CA SER B 93 24.56 28.54 0.10
C SER B 93 24.46 27.04 -0.20
N PRO B 94 24.73 26.66 -1.46
CA PRO B 94 24.65 25.24 -1.83
C PRO B 94 25.50 24.31 -0.96
N ASP B 95 26.72 24.73 -0.59
CA ASP B 95 27.56 23.92 0.28
C ASP B 95 26.99 23.83 1.69
N GLU B 96 26.51 24.96 2.23
CA GLU B 96 25.87 24.92 3.55
C GLU B 96 24.67 23.98 3.56
N LEU B 97 23.88 23.97 2.49
CA LEU B 97 22.73 23.08 2.43
C LEU B 97 23.16 21.62 2.28
N ARG B 98 24.33 21.38 1.68
CA ARG B 98 24.80 20.00 1.54
C ARG B 98 25.02 19.36 2.90
N GLN B 99 25.58 20.12 3.85
CA GLN B 99 25.79 19.59 5.19
C GLN B 99 24.48 19.50 5.96
N ILE B 100 23.59 20.47 5.76
CA ILE B 100 22.28 20.43 6.40
C ILE B 100 21.50 19.20 5.93
N ALA B 101 21.50 18.95 4.62
CA ALA B 101 20.83 17.76 4.10
C ALA B 101 21.51 16.48 4.57
N LYS B 102 22.84 16.50 4.63
CA LYS B 102 23.57 15.32 5.11
C LYS B 102 23.32 15.09 6.60
N ASP B 103 23.28 16.17 7.39
CA ASP B 103 22.98 16.03 8.81
C ASP B 103 21.56 15.55 9.03
N TYR B 104 20.60 16.03 8.22
CA TYR B 104 19.23 15.55 8.34
C TYR B 104 19.13 14.06 8.01
N TRP B 105 19.81 13.62 6.95
CA TRP B 105 19.70 12.23 6.52
C TRP B 105 20.26 11.29 7.58
N ASP B 106 21.47 11.57 8.06
CA ASP B 106 22.11 10.71 9.05
C ASP B 106 21.42 10.75 10.40
N SER B 107 20.47 11.66 10.60
CA SER B 107 19.67 11.68 11.82
C SER B 107 18.46 10.75 11.75
N GLY B 108 18.14 10.21 10.58
CA GLY B 108 16.97 9.39 10.39
C GLY B 108 15.86 10.03 9.57
N ILE B 109 16.05 11.27 9.12
CA ILE B 109 15.04 11.95 8.32
C ILE B 109 15.07 11.41 6.90
N ARG B 110 13.93 10.93 6.42
CA ARG B 110 13.83 10.38 5.07
C ARG B 110 13.13 11.31 4.09
N ARG B 111 12.44 12.34 4.57
CA ARG B 111 11.69 13.26 3.73
C ARG B 111 12.00 14.70 4.12
N ILE B 112 12.11 15.57 3.12
CA ILE B 112 12.32 17.00 3.33
C ILE B 112 11.41 17.76 2.38
N VAL B 113 10.79 18.82 2.87
CA VAL B 113 9.92 19.67 2.05
C VAL B 113 10.77 20.83 1.53
N ALA B 114 11.18 20.74 0.26
CA ALA B 114 12.11 21.70 -0.33
C ALA B 114 11.32 22.87 -0.91
N LEU B 115 11.55 24.07 -0.35
CA LEU B 115 10.86 25.30 -0.74
C LEU B 115 11.85 26.42 -0.99
N ARG B 116 11.48 27.38 -1.84
CA ARG B 116 12.39 28.48 -2.16
C ARG B 116 12.53 29.46 -1.01
N GLY B 117 11.41 29.84 -0.39
CA GLY B 117 11.42 30.72 0.77
C GLY B 117 11.17 32.18 0.39
N ASP B 118 10.90 32.98 1.43
CA ASP B 118 10.67 34.41 1.32
C ASP B 118 11.59 35.19 2.25
N GLU B 119 12.08 36.35 1.79
CA GLU B 119 12.90 37.23 2.61
C GLU B 119 12.93 38.65 2.05
N LYS B 126 20.34 37.25 -5.64
CA LYS B 126 20.84 35.89 -5.82
C LYS B 126 19.90 34.86 -5.19
N PRO B 127 18.89 34.43 -5.93
CA PRO B 127 17.93 33.44 -5.43
C PRO B 127 18.35 32.01 -5.71
N PHE B 128 17.86 31.11 -4.87
CA PHE B 128 17.98 29.68 -5.08
C PHE B 128 16.55 29.13 -5.15
N TYR B 129 16.17 28.62 -6.32
CA TYR B 129 14.79 28.19 -6.53
C TYR B 129 14.62 26.74 -6.13
N ALA B 130 13.37 26.39 -5.81
CA ALA B 130 13.06 25.04 -5.35
C ALA B 130 13.55 23.97 -6.31
N GLU B 131 13.50 24.25 -7.61
CA GLU B 131 14.02 23.31 -8.61
C GLU B 131 15.49 22.99 -8.32
N ASP B 132 16.31 24.01 -8.12
CA ASP B 132 17.72 23.78 -7.79
C ASP B 132 17.87 23.00 -6.49
N LEU B 133 16.95 23.20 -5.54
CA LEU B 133 17.03 22.50 -4.26
C LEU B 133 16.73 21.02 -4.44
N VAL B 134 15.72 20.69 -5.24
CA VAL B 134 15.44 19.29 -5.53
C VAL B 134 16.64 18.64 -6.18
N LYS B 135 17.32 19.37 -7.09
CA LYS B 135 18.55 18.87 -7.67
C LYS B 135 19.62 18.65 -6.60
N LEU B 136 19.71 19.56 -5.64
CA LEU B 136 20.72 19.43 -4.59
C LEU B 136 20.39 18.28 -3.65
N LEU B 137 19.17 18.26 -3.10
CA LEU B 137 18.80 17.22 -2.14
C LEU B 137 18.95 15.83 -2.74
N ARG B 138 18.60 15.68 -4.02
CA ARG B 138 18.79 14.39 -4.67
C ARG B 138 20.26 14.00 -4.74
N SER B 139 21.16 14.98 -4.88
CA SER B 139 22.58 14.68 -4.88
C SER B 139 23.06 14.20 -3.51
N VAL B 140 22.46 14.71 -2.44
CA VAL B 140 22.88 14.35 -1.09
C VAL B 140 22.47 12.91 -0.77
N ALA B 141 21.21 12.57 -0.99
CA ALA B 141 20.72 11.22 -0.71
C ALA B 141 19.43 11.00 -1.49
N ASP B 142 18.84 9.82 -1.31
CA ASP B 142 17.58 9.45 -1.96
C ASP B 142 16.40 9.93 -1.10
N PHE B 143 16.27 11.24 -1.06
CA PHE B 143 15.24 11.89 -0.25
C PHE B 143 13.87 11.77 -0.89
N ASP B 144 12.83 11.82 -0.05
CA ASP B 144 11.46 11.93 -0.50
C ASP B 144 11.11 13.42 -0.38
N ILE B 145 11.05 14.11 -1.50
CA ILE B 145 10.90 15.56 -1.52
C ILE B 145 9.45 15.93 -1.77
N SER B 146 8.97 16.90 -1.01
CA SER B 146 7.64 17.47 -1.18
C SER B 146 7.79 18.89 -1.72
N VAL B 147 7.13 19.18 -2.82
CA VAL B 147 7.16 20.51 -3.42
C VAL B 147 5.81 21.19 -3.18
N ALA B 148 5.81 22.50 -3.38
CA ALA B 148 4.61 23.31 -3.22
C ALA B 148 3.98 23.58 -4.58
N ALA B 149 2.65 23.46 -4.63
CA ALA B 149 1.88 23.80 -5.82
C ALA B 149 0.93 24.94 -5.47
N TYR B 150 0.65 25.78 -6.47
CA TYR B 150 -0.16 26.97 -6.24
C TYR B 150 -1.31 27.00 -7.26
N PRO B 151 -2.49 26.54 -6.86
CA PRO B 151 -3.62 26.53 -7.82
C PRO B 151 -4.07 27.92 -8.22
N GLU B 152 -4.00 28.88 -7.31
CA GLU B 152 -4.30 30.27 -7.63
C GLU B 152 -3.05 31.04 -8.06
N VAL B 153 -2.00 30.32 -8.47
CA VAL B 153 -0.76 30.86 -9.03
C VAL B 153 0.06 31.58 -7.97
N HIS B 154 1.33 31.24 -7.89
CA HIS B 154 2.23 31.98 -7.02
C HIS B 154 2.26 33.45 -7.47
N PRO B 155 2.23 34.41 -6.54
CA PRO B 155 2.06 35.81 -6.96
C PRO B 155 3.17 36.33 -7.86
N GLU B 156 4.37 35.75 -7.81
CA GLU B 156 5.48 36.24 -8.61
C GLU B 156 5.63 35.54 -9.96
N ALA B 157 4.84 34.51 -10.25
CA ALA B 157 4.91 33.85 -11.55
C ALA B 157 4.50 34.81 -12.66
N LYS B 158 5.21 34.73 -13.79
CA LYS B 158 4.85 35.56 -14.94
C LYS B 158 3.48 35.21 -15.49
N SER B 159 3.09 33.94 -15.39
CA SER B 159 1.79 33.51 -15.89
C SER B 159 1.42 32.21 -15.19
N ALA B 160 0.15 31.82 -15.38
CA ALA B 160 -0.30 30.54 -14.84
C ALA B 160 0.38 29.38 -15.52
N GLN B 161 0.74 29.53 -16.79
CA GLN B 161 1.45 28.47 -17.51
C GLN B 161 2.87 28.31 -16.99
N ALA B 162 3.54 29.42 -16.70
CA ALA B 162 4.90 29.35 -16.18
C ALA B 162 4.94 28.67 -14.82
N ASP B 163 4.00 29.02 -13.94
CA ASP B 163 3.96 28.41 -12.62
C ASP B 163 3.60 26.94 -12.68
N LEU B 164 2.85 26.54 -13.72
CA LEU B 164 2.54 25.13 -13.91
C LEU B 164 3.75 24.38 -14.47
N ILE B 165 4.49 25.00 -15.38
CA ILE B 165 5.73 24.41 -15.88
C ILE B 165 6.74 24.26 -14.74
N ASN B 166 6.83 25.28 -13.87
CA ASN B 166 7.79 25.23 -12.77
C ASN B 166 7.51 24.05 -11.85
N LEU B 167 6.23 23.72 -11.64
CA LEU B 167 5.91 22.55 -10.82
C LEU B 167 6.34 21.27 -11.50
N LYS B 168 6.22 21.20 -12.83
CA LYS B 168 6.69 20.04 -13.58
C LYS B 168 8.19 19.86 -13.40
N ARG B 169 8.96 20.96 -13.54
CA ARG B 169 10.41 20.86 -13.39
C ARG B 169 10.82 20.53 -11.97
N LYS B 170 10.03 20.95 -10.97
CA LYS B 170 10.29 20.56 -9.59
C LYS B 170 10.17 19.05 -9.41
N ILE B 171 9.15 18.43 -9.99
CA ILE B 171 8.97 16.99 -9.87
C ILE B 171 10.01 16.24 -10.70
N ASP B 172 10.27 16.71 -11.93
CA ASP B 172 11.25 16.08 -12.79
C ASP B 172 12.67 16.17 -12.25
N ALA B 173 12.93 17.02 -11.27
CA ALA B 173 14.25 17.11 -10.65
C ALA B 173 14.47 16.07 -9.56
N GLY B 174 13.41 15.41 -9.09
CA GLY B 174 13.55 14.37 -8.09
C GLY B 174 12.50 14.38 -7.00
N ALA B 175 11.54 15.29 -7.08
CA ALA B 175 10.50 15.35 -6.07
C ALA B 175 9.44 14.29 -6.33
N ASN B 176 8.76 13.87 -5.26
CA ASN B 176 7.77 12.81 -5.39
C ASN B 176 6.53 13.06 -4.51
N HIS B 177 6.29 14.31 -4.11
CA HIS B 177 5.13 14.65 -3.29
C HIS B 177 4.75 16.11 -3.55
N VAL B 178 3.48 16.34 -3.87
CA VAL B 178 2.97 17.68 -4.17
C VAL B 178 2.00 18.10 -3.07
N ILE B 179 2.23 19.27 -2.49
CA ILE B 179 1.35 19.85 -1.47
C ILE B 179 0.92 21.23 -1.96
N THR B 180 -0.38 21.51 -1.86
CA THR B 180 -0.93 22.77 -2.33
C THR B 180 -0.89 23.82 -1.24
N GLN B 181 -0.75 25.07 -1.67
CA GLN B 181 -1.08 26.19 -0.80
C GLN B 181 -2.56 26.09 -0.42
N PHE B 182 -2.90 26.61 0.76
CA PHE B 182 -4.28 26.54 1.20
C PHE B 182 -5.18 27.32 0.24
N PHE B 183 -6.44 26.88 0.16
CA PHE B 183 -7.38 27.48 -0.77
C PHE B 183 -8.79 27.33 -0.20
N PHE B 184 -9.73 28.05 -0.80
CA PHE B 184 -11.13 27.95 -0.42
C PHE B 184 -12.07 27.86 -1.60
N ASP B 185 -11.60 28.10 -2.82
CA ASP B 185 -12.36 27.84 -4.03
C ASP B 185 -12.01 26.43 -4.49
N VAL B 186 -12.86 25.46 -4.15
CA VAL B 186 -12.59 24.08 -4.53
C VAL B 186 -12.61 23.90 -6.04
N GLU B 187 -13.40 24.73 -6.74
CA GLU B 187 -13.40 24.69 -8.20
C GLU B 187 -12.03 24.99 -8.77
N ARG B 188 -11.41 26.08 -8.29
CA ARG B 188 -10.09 26.46 -8.79
C ARG B 188 -9.05 25.39 -8.50
N TYR B 189 -9.19 24.67 -7.38
CA TYR B 189 -8.28 23.57 -7.09
C TYR B 189 -8.50 22.41 -8.06
N LEU B 190 -9.76 22.00 -8.25
CA LEU B 190 -10.04 20.84 -9.08
C LEU B 190 -9.63 21.09 -10.54
N ARG B 191 -9.80 22.32 -11.02
CA ARG B 191 -9.32 22.65 -12.36
C ARG B 191 -7.79 22.61 -12.42
N PHE B 192 -7.13 23.13 -11.39
CA PHE B 192 -5.66 23.07 -11.34
C PHE B 192 -5.16 21.64 -11.28
N ARG B 193 -5.79 20.80 -10.45
CA ARG B 193 -5.38 19.40 -10.37
C ARG B 193 -5.57 18.71 -11.71
N ASP B 194 -6.56 19.16 -12.49
CA ASP B 194 -6.76 18.59 -13.81
C ASP B 194 -5.69 19.05 -14.79
N ARG B 195 -5.20 20.28 -14.66
CA ARG B 195 -4.12 20.74 -15.55
C ARG B 195 -2.80 20.06 -15.22
N CYS B 196 -2.64 19.56 -14.00
CA CYS B 196 -1.40 18.87 -13.64
C CYS B 196 -1.30 17.54 -14.37
N VAL B 197 -2.36 16.74 -14.33
CA VAL B 197 -2.36 15.47 -15.06
C VAL B 197 -2.37 15.70 -16.57
N MET B 198 -2.96 16.80 -17.02
CA MET B 198 -2.91 17.12 -18.44
C MET B 198 -1.48 17.43 -18.87
N LEU B 199 -0.67 18.00 -17.98
CA LEU B 199 0.73 18.26 -18.26
C LEU B 199 1.62 17.04 -18.08
N GLY B 200 1.12 15.99 -17.44
CA GLY B 200 1.88 14.75 -17.26
C GLY B 200 2.29 14.45 -15.83
N ILE B 201 1.99 15.33 -14.88
CA ILE B 201 2.34 15.11 -13.49
C ILE B 201 1.66 13.86 -12.96
N ASP B 202 2.45 12.83 -12.69
CA ASP B 202 1.94 11.52 -12.30
C ASP B 202 1.70 11.37 -10.81
N VAL B 203 1.99 12.40 -10.03
CA VAL B 203 1.79 12.35 -8.59
C VAL B 203 0.50 13.09 -8.23
N GLU B 204 -0.09 12.71 -7.09
CA GLU B 204 -1.33 13.34 -6.66
C GLU B 204 -1.02 14.72 -6.13
N ILE B 205 -1.94 15.66 -6.37
CA ILE B 205 -1.80 17.04 -5.92
C ILE B 205 -2.52 17.10 -4.57
N VAL B 206 -1.78 16.86 -3.49
CA VAL B 206 -2.36 16.80 -2.15
C VAL B 206 -2.83 18.18 -1.70
N PRO B 207 -4.12 18.35 -1.42
CA PRO B 207 -4.61 19.67 -1.01
C PRO B 207 -4.19 20.01 0.41
N GLY B 208 -3.75 21.26 0.59
CA GLY B 208 -3.41 21.76 1.90
C GLY B 208 -4.60 22.40 2.59
N ILE B 209 -5.08 21.77 3.66
CA ILE B 209 -6.29 22.22 4.35
C ILE B 209 -5.88 23.11 5.51
N LEU B 210 -6.39 24.35 5.51
CA LEU B 210 -6.17 25.29 6.62
C LEU B 210 -7.50 25.61 7.29
N PRO B 211 -7.79 25.03 8.45
CA PRO B 211 -9.05 25.37 9.14
C PRO B 211 -8.99 26.78 9.71
N VAL B 212 -10.02 27.57 9.42
CA VAL B 212 -10.01 28.99 9.73
C VAL B 212 -10.40 29.22 11.18
N THR B 213 -9.42 29.15 12.07
CA THR B 213 -9.63 29.42 13.48
C THR B 213 -9.33 30.87 13.85
N ASN B 214 -8.75 31.64 12.93
CA ASN B 214 -8.44 33.05 13.17
C ASN B 214 -8.52 33.78 11.84
N PHE B 215 -9.66 34.40 11.57
CA PHE B 215 -9.87 35.04 10.27
C PHE B 215 -8.91 36.21 10.07
N LYS B 216 -8.62 36.95 11.13
CA LYS B 216 -7.70 38.08 11.02
C LYS B 216 -6.32 37.63 10.55
N GLN B 217 -5.85 36.50 11.07
CA GLN B 217 -4.60 35.92 10.58
C GLN B 217 -4.72 35.53 9.11
N LEU B 218 -5.83 34.88 8.75
CA LEU B 218 -6.03 34.44 7.36
C LEU B 218 -6.05 35.61 6.39
N GLY B 219 -6.77 36.69 6.74
CA GLY B 219 -6.82 37.85 5.86
C GLY B 219 -5.44 38.44 5.58
N LYS B 220 -4.61 38.51 6.62
CA LYS B 220 -3.23 38.96 6.43
C LYS B 220 -2.41 37.92 5.69
N MET B 221 -2.56 36.64 6.05
CA MET B 221 -1.86 35.57 5.35
C MET B 221 -2.20 35.54 3.88
N ALA B 222 -3.48 35.72 3.55
CA ALA B 222 -3.91 35.65 2.15
C ALA B 222 -3.46 36.85 1.34
N GLN B 223 -3.22 38.00 1.97
CA GLN B 223 -2.81 39.18 1.23
C GLN B 223 -1.43 39.01 0.61
N VAL B 224 -0.52 38.31 1.30
CA VAL B 224 0.84 38.13 0.82
C VAL B 224 1.01 36.88 -0.04
N THR B 225 -0.02 36.07 -0.18
CA THR B 225 0.06 34.82 -0.93
C THR B 225 -0.80 34.82 -2.19
N ASN B 226 -1.62 35.86 -2.40
CA ASN B 226 -2.48 36.02 -3.56
C ASN B 226 -3.59 34.96 -3.64
N VAL B 227 -3.94 34.34 -2.52
CA VAL B 227 -5.04 33.38 -2.49
C VAL B 227 -6.33 34.13 -2.19
N LYS B 228 -7.33 33.94 -3.04
CA LYS B 228 -8.58 34.67 -2.93
C LYS B 228 -9.41 34.19 -1.74
N ILE B 229 -9.84 35.13 -0.90
CA ILE B 229 -10.77 34.85 0.19
C ILE B 229 -12.18 35.04 -0.35
N PRO B 230 -13.00 33.99 -0.43
CA PRO B 230 -14.34 34.15 -0.99
C PRO B 230 -15.21 35.08 -0.16
N SER B 231 -16.12 35.76 -0.84
CA SER B 231 -16.99 36.71 -0.16
C SER B 231 -17.86 36.02 0.90
N TRP B 232 -18.31 34.79 0.63
CA TRP B 232 -19.12 34.10 1.62
C TRP B 232 -18.33 33.77 2.87
N LEU B 233 -17.02 33.54 2.71
CA LEU B 233 -16.19 33.22 3.87
C LEU B 233 -15.99 34.43 4.77
N SER B 234 -15.81 35.61 4.17
CA SER B 234 -15.65 36.82 4.96
C SER B 234 -16.92 37.16 5.72
N GLN B 235 -18.08 36.94 5.09
CA GLN B 235 -19.34 37.20 5.76
C GLN B 235 -19.55 36.25 6.93
N MET B 236 -19.06 35.02 6.83
CA MET B 236 -19.22 34.06 7.92
C MET B 236 -18.40 34.44 9.16
N TYR B 237 -17.34 35.22 8.99
CA TYR B 237 -16.42 35.51 10.08
C TYR B 237 -16.47 36.95 10.55
N GLU B 238 -17.30 37.81 9.94
CA GLU B 238 -17.39 39.18 10.42
C GLU B 238 -18.07 39.19 11.78
N GLY B 239 -17.50 39.93 12.72
CA GLY B 239 -18.02 39.97 14.07
C GLY B 239 -17.61 38.83 14.96
N LEU B 240 -16.62 38.03 14.55
CA LEU B 240 -16.16 36.90 15.35
C LEU B 240 -14.72 37.08 15.82
N ASP B 241 -14.21 38.31 15.82
CA ASP B 241 -12.81 38.51 16.17
C ASP B 241 -12.52 38.29 17.64
N ASP B 242 -13.55 38.03 18.45
CA ASP B 242 -13.36 37.75 19.87
C ASP B 242 -14.02 36.46 20.32
N ASP B 243 -14.77 35.78 19.44
CA ASP B 243 -15.47 34.55 19.75
C ASP B 243 -14.72 33.40 19.08
N GLN B 244 -13.73 32.84 19.78
CA GLN B 244 -12.95 31.74 19.23
C GLN B 244 -13.77 30.46 19.11
N GLY B 245 -14.65 30.21 20.09
CA GLY B 245 -15.47 29.01 20.06
C GLY B 245 -16.33 28.91 18.81
N THR B 246 -16.97 30.00 18.43
CA THR B 246 -17.81 30.00 17.23
C THR B 246 -16.97 29.90 15.97
N ARG B 247 -15.79 30.52 15.95
CA ARG B 247 -14.91 30.37 14.80
C ARG B 247 -14.52 28.91 14.61
N ASN B 248 -14.19 28.21 15.71
CA ASN B 248 -13.91 26.79 15.61
C ASN B 248 -15.10 26.05 15.03
N LEU B 249 -16.31 26.43 15.42
CA LEU B 249 -17.51 25.76 14.93
C LEU B 249 -17.75 26.10 13.47
N VAL B 250 -17.53 27.36 13.08
CA VAL B 250 -17.65 27.72 11.67
C VAL B 250 -16.53 27.09 10.86
N ALA B 251 -15.31 27.04 11.43
CA ALA B 251 -14.19 26.39 10.74
C ALA B 251 -14.46 24.93 10.50
N ALA B 252 -15.19 24.27 11.41
CA ALA B 252 -15.54 22.88 11.19
C ALA B 252 -16.40 22.73 9.95
N SER B 253 -17.46 23.55 9.83
CA SER B 253 -18.36 23.45 8.69
C SER B 253 -17.61 23.65 7.38
N ILE B 254 -16.76 24.67 7.31
CA ILE B 254 -16.02 24.96 6.09
C ILE B 254 -15.05 23.84 5.75
N ALA B 255 -14.23 23.42 6.72
CA ALA B 255 -13.21 22.41 6.45
C ALA B 255 -13.83 21.06 6.15
N ILE B 256 -14.89 20.69 6.86
CA ILE B 256 -15.57 19.43 6.56
C ILE B 256 -16.24 19.49 5.19
N ASP B 257 -16.86 20.62 4.86
CA ASP B 257 -17.49 20.78 3.55
C ASP B 257 -16.48 20.56 2.43
N MET B 258 -15.32 21.25 2.51
CA MET B 258 -14.29 21.08 1.48
C MET B 258 -13.82 19.63 1.43
N VAL B 259 -13.51 19.05 2.58
CA VAL B 259 -13.00 17.70 2.63
C VAL B 259 -14.03 16.70 2.12
N LYS B 260 -15.32 16.96 2.34
CA LYS B 260 -16.36 16.06 1.85
C LYS B 260 -16.38 16.01 0.33
N VAL B 261 -16.36 17.17 -0.32
CA VAL B 261 -16.43 17.18 -1.79
C VAL B 261 -15.12 16.69 -2.38
N LEU B 262 -13.98 17.09 -1.78
CA LEU B 262 -12.69 16.64 -2.30
C LEU B 262 -12.56 15.13 -2.23
N SER B 263 -13.00 14.52 -1.12
CA SER B 263 -12.90 13.06 -1.00
C SER B 263 -13.79 12.36 -2.03
N ARG B 264 -15.00 12.88 -2.25
CA ARG B 264 -15.91 12.22 -3.18
C ARG B 264 -15.37 12.26 -4.61
N GLU B 265 -14.59 13.27 -4.96
CA GLU B 265 -14.08 13.45 -6.31
C GLU B 265 -12.71 12.81 -6.52
N GLY B 266 -12.24 12.01 -5.56
CA GLY B 266 -11.06 11.19 -5.71
C GLY B 266 -9.85 11.56 -4.88
N VAL B 267 -9.87 12.65 -4.14
CA VAL B 267 -8.70 13.01 -3.34
C VAL B 267 -8.69 12.16 -2.07
N LYS B 268 -7.61 11.37 -1.91
CA LYS B 268 -7.47 10.53 -0.74
C LYS B 268 -6.26 10.89 0.11
N ASP B 269 -5.61 12.01 -0.17
CA ASP B 269 -4.48 12.51 0.60
C ASP B 269 -4.77 13.93 1.02
N PHE B 270 -4.46 14.25 2.28
CA PHE B 270 -4.74 15.58 2.81
C PHE B 270 -3.58 16.03 3.69
N HIS B 271 -3.30 17.34 3.64
CA HIS B 271 -2.22 17.96 4.41
C HIS B 271 -2.81 19.13 5.17
N PHE B 272 -2.83 19.03 6.50
CA PHE B 272 -3.48 20.02 7.35
C PHE B 272 -2.46 21.02 7.88
N TYR B 273 -2.77 22.30 7.74
CA TYR B 273 -1.98 23.37 8.36
C TYR B 273 -2.57 23.58 9.75
N THR B 274 -2.04 22.84 10.72
CA THR B 274 -2.61 22.85 12.06
C THR B 274 -2.43 24.19 12.74
N LEU B 275 -1.38 24.93 12.39
CA LEU B 275 -0.98 26.13 13.12
C LEU B 275 -0.83 25.82 14.60
N ASN B 276 -0.28 24.65 14.90
CA ASN B 276 -0.04 24.17 16.26
C ASN B 276 -1.33 24.03 17.08
N ARG B 277 -2.48 23.94 16.41
CA ARG B 277 -3.74 23.59 17.05
C ARG B 277 -4.20 22.22 16.56
N SER B 278 -4.94 21.51 17.40
CA SER B 278 -5.27 20.11 17.13
C SER B 278 -6.76 19.81 17.14
N GLU B 279 -7.61 20.74 17.58
CA GLU B 279 -9.04 20.43 17.68
C GLU B 279 -9.66 20.22 16.30
N LEU B 280 -9.33 21.07 15.34
CA LEU B 280 -9.97 21.00 14.03
C LEU B 280 -9.46 19.83 13.20
N THR B 281 -8.14 19.71 13.07
CA THR B 281 -7.56 18.62 12.27
C THR B 281 -8.02 17.26 12.78
N TYR B 282 -8.13 17.10 14.11
CA TYR B 282 -8.57 15.83 14.68
C TYR B 282 -10.01 15.54 14.26
N ALA B 283 -10.88 16.55 14.31
CA ALA B 283 -12.27 16.35 13.93
C ALA B 283 -12.43 16.13 12.44
N ILE B 284 -11.63 16.85 11.63
CA ILE B 284 -11.69 16.65 10.18
C ILE B 284 -11.26 15.22 9.83
N CYS B 285 -10.11 14.79 10.36
CA CYS B 285 -9.62 13.43 10.10
C CYS B 285 -10.66 12.38 10.50
N HIS B 286 -11.37 12.61 11.61
CA HIS B 286 -12.37 11.65 12.07
C HIS B 286 -13.48 11.47 11.03
N ILE B 287 -13.84 12.55 10.33
CA ILE B 287 -14.86 12.47 9.30
C ILE B 287 -14.41 11.61 8.13
N LEU B 288 -13.09 11.59 7.85
CA LEU B 288 -12.52 10.81 6.76
C LEU B 288 -12.23 9.37 7.14
N GLY B 289 -12.66 8.92 8.32
CA GLY B 289 -12.32 7.59 8.77
C GLY B 289 -10.98 7.49 9.45
N VAL B 290 -10.14 8.53 9.38
CA VAL B 290 -8.86 8.55 10.07
C VAL B 290 -9.13 8.61 11.56
N ARG B 291 -8.95 7.48 12.25
CA ARG B 291 -9.26 7.34 13.66
C ARG B 291 -8.25 6.37 14.28
N PRO B 292 -8.06 6.42 15.61
CA PRO B 292 -7.06 5.54 16.23
C PRO B 292 -7.53 4.10 16.34
N TYR C 3 -39.20 12.42 -7.29
CA TYR C 3 -38.60 11.13 -7.64
C TYR C 3 -39.43 10.37 -8.67
N ALA C 4 -40.75 10.50 -8.54
CA ALA C 4 -41.64 9.86 -9.51
C ALA C 4 -41.40 10.42 -10.91
N LYS C 5 -41.14 11.73 -11.00
CA LYS C 5 -40.83 12.34 -12.29
C LYS C 5 -39.49 11.85 -12.82
N GLU C 6 -38.55 11.53 -11.93
CA GLU C 6 -37.22 11.12 -12.38
C GLU C 6 -37.25 9.74 -13.01
N ILE C 7 -37.94 8.79 -12.38
CA ILE C 7 -38.00 7.43 -12.92
C ILE C 7 -38.80 7.41 -14.22
N ASN C 8 -39.92 8.13 -14.27
CA ASN C 8 -40.68 8.23 -15.51
C ASN C 8 -39.85 8.87 -16.62
N ALA C 9 -39.05 9.88 -16.28
CA ALA C 9 -38.17 10.47 -17.26
C ALA C 9 -37.11 9.48 -17.72
N LEU C 10 -36.58 8.66 -16.80
CA LEU C 10 -35.61 7.64 -17.19
C LEU C 10 -36.22 6.62 -18.15
N ASN C 11 -37.50 6.32 -18.01
CA ASN C 11 -38.12 5.27 -18.82
C ASN C 11 -38.46 5.74 -20.23
N ASN C 12 -38.99 6.97 -20.37
CA ASN C 12 -39.37 7.44 -21.69
C ASN C 12 -38.17 7.78 -22.57
N SER C 13 -37.01 8.04 -21.98
CA SER C 13 -35.81 8.36 -22.73
C SER C 13 -35.04 7.12 -23.19
N LEU C 14 -35.47 5.93 -22.78
CA LEU C 14 -34.83 4.69 -23.20
C LEU C 14 -35.42 4.14 -24.49
N SER C 15 -36.68 4.48 -24.78
CA SER C 15 -37.32 4.12 -26.04
C SER C 15 -36.83 4.96 -27.20
N ASP C 16 -36.00 5.97 -26.91
CA ASP C 16 -35.38 6.82 -27.93
C ASP C 16 -34.04 6.26 -28.37
N LEU C 17 -33.90 4.94 -28.36
CA LEU C 17 -32.69 4.29 -28.89
C LEU C 17 -33.03 3.25 -29.97
N ASP C 20 -28.65 0.71 -32.18
CA ASP C 20 -27.45 1.55 -32.25
C ASP C 20 -26.51 1.30 -31.06
N ILE C 21 -26.84 0.30 -30.26
CA ILE C 21 -26.10 -0.04 -29.05
C ILE C 21 -25.21 -1.26 -29.33
N ASN C 22 -23.97 -1.20 -28.89
CA ASN C 22 -23.04 -2.31 -28.99
C ASN C 22 -22.88 -3.01 -27.64
N VAL C 23 -22.85 -4.34 -27.67
CA VAL C 23 -22.68 -5.15 -26.48
C VAL C 23 -21.52 -6.11 -26.73
N SER C 24 -20.92 -6.57 -25.64
CA SER C 24 -19.86 -7.56 -25.72
C SER C 24 -19.92 -8.43 -24.48
N PHE C 25 -19.87 -9.75 -24.65
CA PHE C 25 -20.01 -10.67 -23.54
C PHE C 25 -18.65 -11.22 -23.13
N GLU C 26 -18.56 -11.64 -21.87
CA GLU C 26 -17.33 -12.21 -21.34
C GLU C 26 -17.66 -13.51 -20.62
N PHE C 27 -16.89 -14.55 -20.91
CA PHE C 27 -17.05 -15.85 -20.30
C PHE C 27 -15.71 -16.28 -19.71
N PHE C 28 -15.75 -17.33 -18.88
CA PHE C 28 -14.51 -17.82 -18.31
C PHE C 28 -14.35 -19.30 -18.57
N PRO C 29 -13.12 -19.77 -18.74
CA PRO C 29 -12.88 -21.20 -18.96
C PRO C 29 -13.40 -22.01 -17.78
N PRO C 30 -14.31 -22.95 -18.03
CA PRO C 30 -14.99 -23.65 -16.94
C PRO C 30 -14.03 -24.46 -16.09
N LYS C 31 -14.48 -24.81 -14.89
CA LYS C 31 -13.72 -25.64 -13.97
C LYS C 31 -14.07 -27.11 -14.13
N ASN C 32 -15.36 -27.42 -14.22
CA ASN C 32 -15.85 -28.76 -14.42
C ASN C 32 -16.63 -28.82 -15.73
N GLU C 33 -17.26 -29.96 -15.99
CA GLU C 33 -18.05 -30.12 -17.21
C GLU C 33 -19.50 -29.72 -17.00
N GLN C 34 -19.98 -29.74 -15.76
CA GLN C 34 -21.29 -29.16 -15.46
C GLN C 34 -21.27 -27.67 -15.71
N MET C 35 -20.15 -27.01 -15.41
CA MET C 35 -19.99 -25.60 -15.73
C MET C 35 -19.88 -25.40 -17.24
N GLU C 36 -19.16 -26.30 -17.93
CA GLU C 36 -19.07 -26.22 -19.39
C GLU C 36 -20.40 -26.54 -20.05
N THR C 37 -21.25 -27.32 -19.39
CA THR C 37 -22.59 -27.55 -19.91
C THR C 37 -23.44 -26.29 -19.79
N MET C 38 -23.35 -25.62 -18.64
CA MET C 38 -24.09 -24.38 -18.44
C MET C 38 -23.55 -23.27 -19.33
N LEU C 39 -22.26 -23.30 -19.67
CA LEU C 39 -21.68 -22.26 -20.51
C LEU C 39 -22.25 -22.30 -21.92
N TRP C 40 -22.18 -23.45 -22.58
CA TRP C 40 -22.58 -23.54 -23.98
C TRP C 40 -24.09 -23.38 -24.13
N ASP C 41 -24.86 -23.79 -23.12
CA ASP C 41 -26.29 -23.48 -23.15
C ASP C 41 -26.49 -21.96 -23.14
N SER C 42 -25.68 -21.25 -22.37
CA SER C 42 -25.73 -19.80 -22.35
C SER C 42 -25.09 -19.20 -23.60
N ILE C 43 -24.07 -19.87 -24.14
CA ILE C 43 -23.43 -19.39 -25.36
C ILE C 43 -24.37 -19.54 -26.55
N HIS C 44 -25.20 -20.58 -26.57
CA HIS C 44 -26.11 -20.78 -27.68
C HIS C 44 -27.22 -19.73 -27.68
N ARG C 45 -27.79 -19.44 -26.51
CA ARG C 45 -28.89 -18.47 -26.43
C ARG C 45 -28.38 -17.05 -26.62
N LEU C 46 -27.16 -16.76 -26.19
CA LEU C 46 -26.66 -15.40 -26.28
C LEU C 46 -26.31 -15.02 -27.70
N GLN C 47 -25.92 -15.99 -28.54
CA GLN C 47 -25.54 -15.72 -29.92
C GLN C 47 -26.65 -15.00 -30.68
N THR C 48 -27.91 -15.15 -30.26
CA THR C 48 -29.02 -14.52 -30.97
C THR C 48 -28.99 -13.00 -30.83
N LEU C 49 -28.30 -12.48 -29.82
CA LEU C 49 -28.24 -11.03 -29.63
C LEU C 49 -27.27 -10.36 -30.59
N HIS C 50 -26.52 -11.13 -31.36
CA HIS C 50 -25.53 -10.60 -32.32
C HIS C 50 -24.60 -9.59 -31.66
N PRO C 51 -23.79 -10.00 -30.69
CA PRO C 51 -22.92 -9.05 -30.00
C PRO C 51 -21.74 -8.63 -30.86
N LYS C 52 -21.21 -7.45 -30.54
CA LYS C 52 -20.02 -6.96 -31.25
C LYS C 52 -18.86 -7.93 -31.13
N PHE C 53 -18.69 -8.54 -29.96
CA PHE C 53 -17.64 -9.54 -29.77
C PHE C 53 -17.91 -10.28 -28.46
N VAL C 54 -17.12 -11.32 -28.23
CA VAL C 54 -17.09 -12.03 -26.97
C VAL C 54 -15.64 -12.13 -26.50
N SER C 55 -15.47 -12.46 -25.23
CA SER C 55 -14.14 -12.50 -24.62
C SER C 55 -14.00 -13.79 -23.81
N VAL C 56 -12.74 -14.17 -23.56
CA VAL C 56 -12.42 -15.41 -22.86
C VAL C 56 -11.43 -15.10 -21.74
N THR C 57 -11.79 -15.47 -20.51
CA THR C 57 -10.98 -15.23 -19.34
C THR C 57 -9.69 -16.07 -19.40
N TYR C 58 -8.66 -15.62 -18.68
CA TYR C 58 -7.38 -16.30 -18.65
C TYR C 58 -7.00 -16.68 -17.22
N ARG C 67 -4.72 -23.46 -22.77
CA ARG C 67 -5.71 -23.24 -21.73
C ARG C 67 -6.99 -22.67 -22.31
N THR C 68 -6.95 -21.38 -22.64
CA THR C 68 -8.08 -20.71 -23.27
C THR C 68 -7.82 -20.43 -24.75
N HIS C 69 -6.80 -21.06 -25.34
CA HIS C 69 -6.59 -20.94 -26.77
C HIS C 69 -7.60 -21.77 -27.55
N GLY C 70 -8.12 -22.82 -26.93
CA GLY C 70 -9.12 -23.69 -27.54
C GLY C 70 -10.54 -23.20 -27.39
N ILE C 71 -10.71 -21.93 -27.03
CA ILE C 71 -12.03 -21.32 -26.94
C ILE C 71 -12.23 -20.24 -27.98
N VAL C 72 -11.20 -19.41 -28.23
CA VAL C 72 -11.34 -18.40 -29.28
C VAL C 72 -11.53 -19.05 -30.65
N LYS C 73 -10.96 -20.24 -30.86
CA LYS C 73 -11.15 -20.94 -32.12
C LYS C 73 -12.50 -21.67 -32.15
N ARG C 74 -12.82 -22.37 -31.06
CA ARG C 74 -14.07 -23.12 -31.00
C ARG C 74 -15.29 -22.22 -31.11
N ILE C 75 -15.32 -21.12 -30.35
CA ILE C 75 -16.43 -20.18 -30.44
C ILE C 75 -16.50 -19.58 -31.84
N LYS C 76 -15.33 -19.27 -32.42
CA LYS C 76 -15.29 -18.70 -33.76
C LYS C 76 -15.83 -19.65 -34.81
N GLN C 77 -15.70 -20.96 -34.59
CA GLN C 77 -16.08 -21.97 -35.59
C GLN C 77 -17.41 -22.64 -35.27
N GLU C 78 -17.60 -23.11 -34.02
CA GLU C 78 -18.87 -23.74 -33.68
C GLU C 78 -20.01 -22.74 -33.79
N THR C 79 -19.71 -21.46 -33.58
CA THR C 79 -20.65 -20.36 -33.71
C THR C 79 -20.15 -19.45 -34.82
N GLY C 80 -20.72 -18.25 -34.89
CA GLY C 80 -20.33 -17.30 -35.93
C GLY C 80 -19.94 -15.96 -35.37
N LEU C 81 -19.80 -15.87 -34.05
CA LEU C 81 -19.49 -14.61 -33.40
C LEU C 81 -17.98 -14.41 -33.27
N GLU C 82 -17.57 -13.15 -33.38
CA GLU C 82 -16.17 -12.78 -33.23
C GLU C 82 -15.69 -12.97 -31.80
N ALA C 83 -14.62 -13.74 -31.64
CA ALA C 83 -14.07 -14.06 -30.34
C ALA C 83 -12.72 -13.37 -30.14
N ALA C 84 -12.42 -13.03 -28.89
CA ALA C 84 -11.18 -12.35 -28.52
C ALA C 84 -10.71 -12.91 -27.19
N PRO C 85 -9.47 -13.33 -27.09
CA PRO C 85 -9.00 -13.91 -25.83
C PRO C 85 -8.29 -12.92 -24.92
N HIS C 86 -8.31 -13.18 -23.62
CA HIS C 86 -7.53 -12.38 -22.68
C HIS C 86 -6.12 -12.93 -22.69
N LEU C 87 -5.14 -12.06 -22.43
CA LEU C 87 -3.74 -12.46 -22.48
C LEU C 87 -2.95 -11.61 -21.49
N THR C 88 -2.40 -12.25 -20.47
CA THR C 88 -1.62 -11.56 -19.46
C THR C 88 -0.14 -11.60 -19.86
N GLY C 89 0.74 -11.18 -18.95
CA GLY C 89 2.16 -11.20 -19.21
C GLY C 89 2.89 -12.14 -18.27
N ILE C 90 2.13 -12.94 -17.51
CA ILE C 90 2.72 -13.84 -16.53
C ILE C 90 3.39 -15.00 -17.25
N ASP C 91 4.69 -15.19 -16.98
CA ASP C 91 5.46 -16.36 -17.42
C ASP C 91 5.49 -16.48 -18.94
N ALA C 92 6.03 -15.44 -19.57
CA ALA C 92 6.24 -15.44 -21.01
C ALA C 92 7.31 -14.39 -21.32
N SER C 93 7.49 -14.11 -22.60
CA SER C 93 8.52 -13.20 -23.10
C SER C 93 8.30 -12.90 -24.58
N PRO C 94 8.84 -11.78 -25.11
CA PRO C 94 8.69 -11.43 -26.52
C PRO C 94 9.09 -12.56 -27.47
N ILE C 112 -7.98 -9.84 -28.58
CA ILE C 112 -6.73 -9.21 -28.14
C ILE C 112 -7.00 -8.29 -26.97
N VAL C 113 -7.36 -8.87 -25.84
CA VAL C 113 -7.57 -8.13 -24.60
C VAL C 113 -6.25 -8.18 -23.84
N ALA C 114 -5.48 -7.11 -23.94
CA ALA C 114 -4.14 -7.07 -23.39
C ALA C 114 -4.21 -6.68 -21.92
N LEU C 115 -3.82 -7.59 -21.04
CA LEU C 115 -3.84 -7.33 -19.61
C LEU C 115 -2.46 -7.63 -19.05
N ARG C 116 -2.11 -6.92 -17.98
CA ARG C 116 -0.85 -7.22 -17.29
C ARG C 116 -0.98 -8.54 -16.53
N GLY C 117 -2.15 -8.78 -15.94
CA GLY C 117 -2.40 -10.00 -15.19
C GLY C 117 -2.30 -9.77 -13.70
N ASP C 118 -2.66 -10.80 -12.95
CA ASP C 118 -2.61 -10.77 -11.50
C ASP C 118 -1.51 -11.74 -11.11
N GLU C 119 -0.33 -11.19 -10.85
CA GLU C 119 0.86 -11.94 -10.49
C GLU C 119 0.66 -12.78 -9.24
N GLU C 124 6.42 -13.83 -6.99
CA GLU C 124 6.74 -13.73 -8.42
C GLU C 124 7.80 -12.64 -8.67
N LYS C 125 8.53 -12.77 -9.78
CA LYS C 125 9.61 -11.86 -10.10
C LYS C 125 9.56 -11.46 -11.56
N LYS C 126 10.11 -10.26 -11.84
CA LYS C 126 10.32 -9.69 -13.17
C LYS C 126 9.02 -9.32 -13.87
N PRO C 127 8.33 -8.26 -13.45
CA PRO C 127 7.10 -7.88 -14.13
C PRO C 127 7.28 -6.84 -15.21
N PHE C 128 6.40 -6.92 -16.20
CA PHE C 128 6.23 -5.90 -17.21
C PHE C 128 4.76 -5.46 -17.24
N TYR C 129 4.54 -4.23 -17.64
CA TYR C 129 3.20 -3.66 -17.61
C TYR C 129 2.46 -3.87 -18.92
N ALA C 130 1.13 -3.81 -18.83
CA ALA C 130 0.25 -4.08 -19.96
C ALA C 130 0.63 -3.27 -21.20
N GLU C 131 1.13 -2.05 -21.01
CA GLU C 131 1.61 -1.24 -22.13
C GLU C 131 2.67 -2.01 -22.93
N ASP C 132 3.64 -2.61 -22.23
CA ASP C 132 4.66 -3.41 -22.91
C ASP C 132 4.04 -4.52 -23.74
N LEU C 133 2.92 -5.08 -23.29
CA LEU C 133 2.27 -6.14 -24.04
C LEU C 133 1.62 -5.60 -25.30
N VAL C 134 0.92 -4.47 -25.20
CA VAL C 134 0.32 -3.85 -26.38
C VAL C 134 1.39 -3.44 -27.39
N LYS C 135 2.51 -2.89 -26.91
CA LYS C 135 3.61 -2.55 -27.81
C LYS C 135 4.17 -3.79 -28.49
N LEU C 136 4.27 -4.91 -27.76
CA LEU C 136 4.77 -6.15 -28.34
C LEU C 136 3.75 -6.75 -29.28
N LEU C 137 2.51 -6.95 -28.79
CA LEU C 137 1.47 -7.59 -29.59
C LEU C 137 1.19 -6.83 -30.88
N ARG C 138 1.24 -5.49 -30.84
CA ARG C 138 1.01 -4.69 -32.04
C ARG C 138 2.00 -5.00 -33.15
N SER C 139 3.22 -5.40 -32.79
CA SER C 139 4.23 -5.73 -33.79
C SER C 139 3.83 -6.95 -34.61
N VAL C 140 3.09 -7.88 -34.01
CA VAL C 140 2.70 -9.12 -34.68
C VAL C 140 1.66 -8.82 -35.78
N PHE C 143 -3.76 -6.07 -35.19
CA PHE C 143 -4.68 -6.57 -34.18
C PHE C 143 -5.48 -5.43 -33.51
N ASP C 144 -6.67 -5.76 -33.03
CA ASP C 144 -7.52 -4.83 -32.27
C ASP C 144 -7.35 -5.11 -30.78
N ILE C 145 -6.66 -4.21 -30.07
CA ILE C 145 -6.27 -4.45 -28.68
C ILE C 145 -7.30 -3.79 -27.76
N SER C 146 -7.72 -4.54 -26.74
CA SER C 146 -8.61 -4.04 -25.70
C SER C 146 -7.87 -3.95 -24.38
N VAL C 147 -7.89 -2.78 -23.75
CA VAL C 147 -7.23 -2.57 -22.47
C VAL C 147 -8.27 -2.47 -21.37
N ALA C 148 -7.80 -2.61 -20.13
CA ALA C 148 -8.63 -2.50 -18.95
C ALA C 148 -8.49 -1.12 -18.33
N ALA C 149 -9.62 -0.55 -17.91
CA ALA C 149 -9.66 0.71 -17.19
C ALA C 149 -10.29 0.53 -15.82
N TYR C 150 -9.86 1.35 -14.86
CA TYR C 150 -10.30 1.24 -13.47
C TYR C 150 -10.76 2.60 -12.98
N PRO C 151 -12.06 2.85 -12.94
CA PRO C 151 -12.54 4.17 -12.48
C PRO C 151 -12.21 4.43 -11.02
N GLU C 152 -12.22 3.39 -10.19
CA GLU C 152 -11.84 3.50 -8.79
C GLU C 152 -10.34 3.24 -8.57
N VAL C 153 -9.53 3.36 -9.63
CA VAL C 153 -8.07 3.26 -9.59
C VAL C 153 -7.61 1.82 -9.32
N HIS C 154 -6.68 1.36 -10.14
CA HIS C 154 -6.07 0.05 -9.92
C HIS C 154 -5.36 0.02 -8.57
N PRO C 155 -5.49 -1.07 -7.81
CA PRO C 155 -4.93 -1.10 -6.45
C PRO C 155 -3.42 -0.93 -6.41
N GLU C 156 -2.74 -1.29 -7.49
CA GLU C 156 -1.30 -1.21 -7.54
C GLU C 156 -0.78 0.12 -8.08
N ALA C 157 -1.68 0.99 -8.54
CA ALA C 157 -1.28 2.30 -9.04
C ALA C 157 -0.68 3.16 -7.94
N LYS C 158 0.37 3.90 -8.30
CA LYS C 158 0.97 4.82 -7.35
C LYS C 158 0.00 5.93 -6.97
N SER C 159 -0.85 6.36 -7.90
CA SER C 159 -1.83 7.41 -7.66
C SER C 159 -2.93 7.30 -8.70
N ALA C 160 -4.01 8.05 -8.48
CA ALA C 160 -5.08 8.12 -9.46
C ALA C 160 -4.61 8.82 -10.74
N GLN C 161 -3.69 9.77 -10.61
CA GLN C 161 -3.16 10.45 -11.78
C GLN C 161 -2.28 9.51 -12.59
N ALA C 162 -1.46 8.70 -11.91
CA ALA C 162 -0.61 7.75 -12.61
C ALA C 162 -1.42 6.68 -13.32
N ASP C 163 -2.47 6.17 -12.67
CA ASP C 163 -3.28 5.12 -13.27
C ASP C 163 -4.03 5.63 -14.49
N LEU C 164 -4.33 6.93 -14.55
CA LEU C 164 -4.98 7.50 -15.72
C LEU C 164 -3.99 7.73 -16.85
N ILE C 165 -2.79 8.20 -16.52
CA ILE C 165 -1.74 8.37 -17.52
C ILE C 165 -1.38 7.02 -18.14
N ASN C 166 -1.31 5.97 -17.31
CA ASN C 166 -0.96 4.65 -17.82
C ASN C 166 -1.99 4.16 -18.83
N LEU C 167 -3.26 4.50 -18.62
CA LEU C 167 -4.28 4.11 -19.59
C LEU C 167 -4.13 4.87 -20.90
N LYS C 168 -3.74 6.15 -20.83
CA LYS C 168 -3.53 6.93 -22.05
C LYS C 168 -2.39 6.35 -22.88
N ARG C 169 -1.25 6.07 -22.25
CA ARG C 169 -0.12 5.52 -23.00
C ARG C 169 -0.40 4.11 -23.49
N LYS C 170 -1.24 3.36 -22.77
CA LYS C 170 -1.68 2.06 -23.29
C LYS C 170 -2.39 2.23 -24.62
N ILE C 171 -3.27 3.24 -24.72
CA ILE C 171 -3.93 3.52 -25.98
C ILE C 171 -2.95 4.12 -26.97
N ASP C 172 -2.09 5.02 -26.48
CA ASP C 172 -1.05 5.59 -27.33
C ASP C 172 -0.07 4.53 -27.82
N ALA C 173 -0.08 3.35 -27.21
CA ALA C 173 0.73 2.23 -27.67
C ALA C 173 0.05 1.43 -28.77
N GLY C 174 -1.26 1.59 -28.96
CA GLY C 174 -1.93 0.91 -30.06
C GLY C 174 -3.29 0.30 -29.77
N ALA C 175 -3.80 0.45 -28.56
CA ALA C 175 -5.11 -0.11 -28.22
C ALA C 175 -6.23 0.77 -28.76
N ASN C 176 -7.40 0.16 -28.97
CA ASN C 176 -8.53 0.89 -29.53
C ASN C 176 -9.86 0.51 -28.89
N HIS C 177 -9.84 -0.11 -27.70
CA HIS C 177 -11.07 -0.46 -27.00
C HIS C 177 -10.76 -0.49 -25.52
N VAL C 178 -11.51 0.30 -24.75
CA VAL C 178 -11.31 0.43 -23.31
C VAL C 178 -12.51 -0.18 -22.61
N ILE C 179 -12.23 -1.09 -21.67
CA ILE C 179 -13.26 -1.75 -20.88
C ILE C 179 -12.95 -1.50 -19.41
N THR C 180 -13.98 -1.12 -18.65
CA THR C 180 -13.82 -0.82 -17.24
C THR C 180 -14.01 -2.06 -16.39
N GLN C 181 -13.29 -2.10 -15.27
CA GLN C 181 -13.63 -3.03 -14.20
C GLN C 181 -15.04 -2.72 -13.72
N PHE C 182 -15.72 -3.74 -13.21
CA PHE C 182 -17.09 -3.56 -12.76
C PHE C 182 -17.15 -2.53 -11.64
N PHE C 183 -18.29 -1.86 -11.55
CA PHE C 183 -18.48 -0.79 -10.59
C PHE C 183 -19.96 -0.71 -10.22
N PHE C 184 -20.25 0.02 -9.15
CA PHE C 184 -21.62 0.25 -8.74
C PHE C 184 -21.90 1.71 -8.40
N ASP C 185 -20.89 2.56 -8.28
CA ASP C 185 -21.08 4.00 -8.19
C ASP C 185 -20.99 4.56 -9.61
N VAL C 186 -22.14 4.77 -10.25
CA VAL C 186 -22.16 5.25 -11.63
C VAL C 186 -21.57 6.66 -11.71
N GLU C 187 -21.70 7.44 -10.64
CA GLU C 187 -21.09 8.76 -10.62
C GLU C 187 -19.58 8.69 -10.78
N ARG C 188 -18.93 7.80 -10.01
CA ARG C 188 -17.48 7.68 -10.09
C ARG C 188 -17.04 7.26 -11.50
N TYR C 189 -17.88 6.50 -12.20
CA TYR C 189 -17.58 6.16 -13.59
C TYR C 189 -17.67 7.40 -14.48
N LEU C 190 -18.73 8.20 -14.32
CA LEU C 190 -18.94 9.35 -15.17
C LEU C 190 -17.84 10.39 -14.99
N ARG C 191 -17.38 10.59 -13.75
CA ARG C 191 -16.25 11.50 -13.53
C ARG C 191 -14.98 10.96 -14.15
N PHE C 192 -14.73 9.65 -14.01
CA PHE C 192 -13.58 9.04 -14.64
C PHE C 192 -13.68 9.14 -16.16
N ARG C 193 -14.85 8.87 -16.71
CA ARG C 193 -15.07 9.04 -18.15
C ARG C 193 -14.83 10.48 -18.59
N ASP C 194 -15.19 11.45 -17.75
CA ASP C 194 -14.96 12.84 -18.10
C ASP C 194 -13.48 13.20 -18.04
N ARG C 195 -12.72 12.57 -17.14
CA ARG C 195 -11.29 12.82 -17.08
C ARG C 195 -10.54 12.19 -18.26
N CYS C 196 -11.11 11.16 -18.88
CA CYS C 196 -10.43 10.52 -20.01
C CYS C 196 -10.41 11.42 -21.23
N VAL C 197 -11.55 12.03 -21.58
CA VAL C 197 -11.58 12.93 -22.71
C VAL C 197 -10.75 14.17 -22.42
N MET C 198 -10.61 14.52 -21.14
CA MET C 198 -9.76 15.64 -20.75
C MET C 198 -8.29 15.36 -21.03
N LEU C 199 -7.87 14.09 -20.92
CA LEU C 199 -6.50 13.73 -21.24
C LEU C 199 -6.28 13.52 -22.73
N GLY C 200 -7.35 13.39 -23.51
CA GLY C 200 -7.24 13.23 -24.95
C GLY C 200 -7.63 11.87 -25.46
N ILE C 201 -7.99 10.93 -24.59
CA ILE C 201 -8.39 9.59 -25.00
C ILE C 201 -9.64 9.69 -25.87
N ASP C 202 -9.48 9.43 -27.16
CA ASP C 202 -10.58 9.60 -28.10
C ASP C 202 -11.43 8.34 -28.28
N VAL C 203 -11.13 7.26 -27.58
CA VAL C 203 -11.92 6.04 -27.67
C VAL C 203 -12.88 6.00 -26.49
N GLU C 204 -13.99 5.27 -26.66
CA GLU C 204 -15.02 5.21 -25.64
C GLU C 204 -14.60 4.31 -24.48
N ILE C 205 -14.98 4.73 -23.28
CA ILE C 205 -14.71 3.98 -22.05
C ILE C 205 -15.93 3.11 -21.80
N VAL C 206 -15.90 1.89 -22.33
CA VAL C 206 -17.04 0.97 -22.26
C VAL C 206 -17.27 0.52 -20.83
N PRO C 207 -18.45 0.75 -20.26
CA PRO C 207 -18.70 0.31 -18.88
C PRO C 207 -18.87 -1.19 -18.78
N GLY C 208 -18.20 -1.80 -17.81
CA GLY C 208 -18.34 -3.22 -17.55
C GLY C 208 -19.45 -3.53 -16.57
N ILE C 209 -20.53 -4.15 -17.04
CA ILE C 209 -21.71 -4.42 -16.24
C ILE C 209 -21.60 -5.82 -15.66
N LEU C 210 -21.63 -5.93 -14.34
CA LEU C 210 -21.61 -7.21 -13.64
C LEU C 210 -22.92 -7.41 -12.91
N PRO C 211 -23.85 -8.22 -13.44
CA PRO C 211 -25.09 -8.49 -12.71
C PRO C 211 -24.81 -9.38 -11.50
N VAL C 212 -25.31 -8.97 -10.34
CA VAL C 212 -24.99 -9.65 -9.09
C VAL C 212 -25.89 -10.86 -8.91
N THR C 213 -25.49 -11.99 -9.50
CA THR C 213 -26.22 -13.25 -9.38
C THR C 213 -25.73 -14.12 -8.23
N ASN C 214 -24.59 -13.78 -7.63
CA ASN C 214 -24.07 -14.53 -6.49
C ASN C 214 -23.30 -13.55 -5.63
N PHE C 215 -23.96 -13.02 -4.59
CA PHE C 215 -23.37 -11.95 -3.79
C PHE C 215 -22.12 -12.43 -3.06
N LYS C 216 -22.13 -13.68 -2.57
CA LYS C 216 -20.95 -14.20 -1.90
C LYS C 216 -19.77 -14.26 -2.85
N GLN C 217 -20.01 -14.63 -4.11
CA GLN C 217 -18.96 -14.58 -5.13
C GLN C 217 -18.46 -13.16 -5.33
N LEU C 218 -19.38 -12.19 -5.40
CA LEU C 218 -18.98 -10.80 -5.59
C LEU C 218 -18.05 -10.32 -4.48
N GLY C 219 -18.38 -10.67 -3.22
CA GLY C 219 -17.54 -10.28 -2.11
C GLY C 219 -16.12 -10.78 -2.26
N LYS C 220 -15.96 -12.02 -2.74
CA LYS C 220 -14.61 -12.54 -3.00
C LYS C 220 -13.98 -11.82 -4.18
N MET C 221 -14.74 -11.60 -5.26
CA MET C 221 -14.25 -10.83 -6.38
C MET C 221 -13.87 -9.42 -5.95
N ALA C 222 -14.68 -8.81 -5.08
CA ALA C 222 -14.40 -7.45 -4.63
C ALA C 222 -13.19 -7.39 -3.71
N GLN C 223 -12.84 -8.48 -3.04
CA GLN C 223 -11.65 -8.48 -2.20
C GLN C 223 -10.40 -8.34 -3.04
N VAL C 224 -10.38 -8.95 -4.24
CA VAL C 224 -9.23 -8.87 -5.12
C VAL C 224 -9.32 -7.73 -6.13
N THR C 225 -10.44 -6.98 -6.15
CA THR C 225 -10.63 -5.93 -7.13
C THR C 225 -10.66 -4.53 -6.53
N ASN C 226 -10.72 -4.41 -5.21
CA ASN C 226 -10.68 -3.11 -4.52
C ASN C 226 -11.83 -2.19 -4.93
N VAL C 227 -12.91 -2.76 -5.46
CA VAL C 227 -14.08 -1.99 -5.85
C VAL C 227 -15.01 -1.88 -4.65
N LYS C 228 -15.37 -0.65 -4.28
CA LYS C 228 -16.21 -0.45 -3.10
C LYS C 228 -17.62 -0.94 -3.41
N ILE C 229 -18.11 -1.84 -2.56
CA ILE C 229 -19.49 -2.33 -2.65
C ILE C 229 -20.37 -1.39 -1.85
N PRO C 230 -21.35 -0.73 -2.47
CA PRO C 230 -22.18 0.22 -1.73
C PRO C 230 -22.95 -0.47 -0.61
N SER C 231 -23.18 0.28 0.47
CA SER C 231 -23.86 -0.27 1.63
C SER C 231 -25.27 -0.74 1.30
N TRP C 232 -25.95 -0.01 0.42
CA TRP C 232 -27.31 -0.38 0.05
C TRP C 232 -27.36 -1.70 -0.72
N LEU C 233 -26.29 -2.03 -1.45
CA LEU C 233 -26.29 -3.27 -2.21
C LEU C 233 -26.19 -4.48 -1.28
N SER C 234 -25.37 -4.38 -0.23
CA SER C 234 -25.23 -5.49 0.71
C SER C 234 -26.53 -5.72 1.48
N GLN C 235 -27.24 -4.64 1.83
CA GLN C 235 -28.49 -4.79 2.55
C GLN C 235 -29.55 -5.49 1.72
N MET C 236 -29.52 -5.32 0.40
CA MET C 236 -30.50 -5.96 -0.46
C MET C 236 -30.31 -7.47 -0.54
N TYR C 237 -29.10 -7.95 -0.29
CA TYR C 237 -28.78 -9.35 -0.54
C TYR C 237 -28.56 -10.19 0.71
N GLU C 238 -28.71 -9.60 1.89
CA GLU C 238 -28.61 -10.38 3.12
C GLU C 238 -29.78 -11.35 3.23
N GLY C 239 -29.48 -12.61 3.57
CA GLY C 239 -30.51 -13.62 3.65
C GLY C 239 -30.93 -14.25 2.35
N LEU C 240 -30.16 -14.04 1.28
CA LEU C 240 -30.49 -14.58 -0.05
C LEU C 240 -29.45 -15.57 -0.55
N ASP C 241 -28.65 -16.16 0.35
CA ASP C 241 -27.55 -17.02 -0.07
C ASP C 241 -28.01 -18.35 -0.64
N ASP C 242 -29.31 -18.66 -0.62
CA ASP C 242 -29.81 -19.89 -1.21
C ASP C 242 -30.93 -19.69 -2.22
N ASP C 243 -31.46 -18.48 -2.38
CA ASP C 243 -32.55 -18.20 -3.30
C ASP C 243 -31.97 -17.45 -4.50
N GLN C 244 -31.52 -18.20 -5.50
CA GLN C 244 -30.96 -17.58 -6.70
C GLN C 244 -32.05 -16.89 -7.51
N GLY C 245 -33.27 -17.43 -7.50
CA GLY C 245 -34.35 -16.82 -8.26
C GLY C 245 -34.62 -15.39 -7.85
N THR C 246 -34.68 -15.14 -6.54
CA THR C 246 -34.85 -13.76 -6.07
C THR C 246 -33.60 -12.95 -6.33
N ARG C 247 -32.42 -13.58 -6.23
CA ARG C 247 -31.18 -12.89 -6.57
C ARG C 247 -31.18 -12.48 -8.04
N ASN C 248 -31.67 -13.37 -8.92
CA ASN C 248 -31.83 -12.99 -10.33
C ASN C 248 -32.75 -11.79 -10.49
N LEU C 249 -33.86 -11.75 -9.73
CA LEU C 249 -34.79 -10.64 -9.87
C LEU C 249 -34.22 -9.35 -9.31
N VAL C 250 -33.54 -9.43 -8.16
CA VAL C 250 -32.94 -8.23 -7.58
C VAL C 250 -31.77 -7.76 -8.43
N ALA C 251 -30.99 -8.70 -8.96
CA ALA C 251 -29.86 -8.32 -9.82
C ALA C 251 -30.32 -7.57 -11.06
N ALA C 252 -31.50 -7.91 -11.58
CA ALA C 252 -32.02 -7.18 -12.72
C ALA C 252 -32.22 -5.71 -12.39
N SER C 253 -32.95 -5.42 -11.31
CA SER C 253 -33.26 -4.04 -10.97
C SER C 253 -32.01 -3.19 -10.83
N ILE C 254 -30.98 -3.73 -10.18
CA ILE C 254 -29.74 -2.96 -10.01
C ILE C 254 -29.10 -2.71 -11.37
N ALA C 255 -28.92 -3.78 -12.16
CA ALA C 255 -28.25 -3.65 -13.44
C ALA C 255 -29.10 -2.87 -14.44
N ILE C 256 -30.42 -3.04 -14.40
CA ILE C 256 -31.28 -2.26 -15.29
C ILE C 256 -31.21 -0.78 -14.95
N ASP C 257 -31.24 -0.44 -13.66
CA ASP C 257 -31.12 0.95 -13.24
C ASP C 257 -29.82 1.58 -13.73
N MET C 258 -28.70 0.89 -13.51
CA MET C 258 -27.40 1.39 -13.95
C MET C 258 -27.40 1.62 -15.46
N VAL C 259 -27.86 0.62 -16.22
CA VAL C 259 -27.83 0.72 -17.68
C VAL C 259 -28.75 1.84 -18.17
N LYS C 260 -29.89 2.03 -17.50
CA LYS C 260 -30.79 3.12 -17.87
C LYS C 260 -30.12 4.47 -17.67
N VAL C 261 -29.40 4.63 -16.56
CA VAL C 261 -28.71 5.89 -16.30
C VAL C 261 -27.53 6.05 -17.26
N LEU C 262 -26.77 4.98 -17.50
CA LEU C 262 -25.64 5.03 -18.42
C LEU C 262 -26.10 5.36 -19.84
N SER C 263 -27.20 4.76 -20.28
CA SER C 263 -27.70 5.02 -21.63
C SER C 263 -28.09 6.49 -21.80
N ARG C 264 -28.68 7.09 -20.77
CA ARG C 264 -29.15 8.47 -20.86
C ARG C 264 -28.00 9.44 -21.09
N GLU C 265 -26.80 9.11 -20.65
CA GLU C 265 -25.67 10.03 -20.73
C GLU C 265 -24.85 9.86 -22.00
N GLY C 266 -25.30 9.02 -22.94
CA GLY C 266 -24.61 8.88 -24.20
C GLY C 266 -23.89 7.56 -24.39
N VAL C 267 -23.94 6.67 -23.41
CA VAL C 267 -23.22 5.40 -23.50
C VAL C 267 -23.94 4.47 -24.46
N LYS C 268 -23.26 4.09 -25.54
CA LYS C 268 -23.81 3.16 -26.52
C LYS C 268 -22.99 1.88 -26.61
N ASP C 269 -22.04 1.67 -25.69
CA ASP C 269 -21.21 0.48 -25.66
C ASP C 269 -21.30 -0.16 -24.28
N PHE C 270 -21.42 -1.48 -24.24
CA PHE C 270 -21.53 -2.20 -22.98
C PHE C 270 -20.78 -3.52 -23.05
N HIS C 271 -20.16 -3.90 -21.93
CA HIS C 271 -19.44 -5.17 -21.82
C HIS C 271 -19.88 -5.88 -20.53
N PHE C 272 -20.52 -7.03 -20.70
CA PHE C 272 -21.14 -7.75 -19.61
C PHE C 272 -20.22 -8.88 -19.11
N TYR C 273 -20.07 -8.94 -17.79
CA TYR C 273 -19.40 -10.06 -17.13
C TYR C 273 -20.48 -11.08 -16.81
N THR C 274 -20.73 -11.98 -17.76
CA THR C 274 -21.83 -12.92 -17.64
C THR C 274 -21.62 -13.92 -16.52
N LEU C 275 -20.37 -14.22 -16.18
CA LEU C 275 -20.03 -15.34 -15.32
C LEU C 275 -20.64 -16.65 -15.85
N ASN C 276 -20.63 -16.77 -17.18
CA ASN C 276 -21.14 -17.94 -17.91
C ASN C 276 -22.61 -18.21 -17.61
N ARG C 277 -23.33 -17.20 -17.14
CA ARG C 277 -24.78 -17.25 -17.00
C ARG C 277 -25.40 -16.28 -18.00
N SER C 278 -26.64 -16.57 -18.40
CA SER C 278 -27.26 -15.82 -19.48
C SER C 278 -28.61 -15.20 -19.13
N GLU C 279 -29.18 -15.50 -17.96
CA GLU C 279 -30.50 -14.96 -17.65
C GLU C 279 -30.47 -13.44 -17.52
N LEU C 280 -29.45 -12.91 -16.83
CA LEU C 280 -29.39 -11.48 -16.59
C LEU C 280 -28.92 -10.71 -17.82
N THR C 281 -27.79 -11.11 -18.40
CA THR C 281 -27.24 -10.40 -19.55
C THR C 281 -28.23 -10.32 -20.70
N TYR C 282 -29.02 -11.38 -20.91
CA TYR C 282 -30.06 -11.35 -21.92
C TYR C 282 -31.13 -10.32 -21.60
N ALA C 283 -31.57 -10.27 -20.34
CA ALA C 283 -32.65 -9.37 -19.97
C ALA C 283 -32.19 -7.92 -19.99
N ILE C 284 -30.95 -7.65 -19.60
CA ILE C 284 -30.43 -6.29 -19.65
C ILE C 284 -30.40 -5.79 -21.09
N CYS C 285 -29.76 -6.57 -21.98
CA CYS C 285 -29.66 -6.18 -23.39
C CYS C 285 -31.02 -5.90 -24.00
N HIS C 286 -32.03 -6.69 -23.61
CA HIS C 286 -33.37 -6.48 -24.16
C HIS C 286 -33.90 -5.10 -23.81
N ILE C 287 -33.57 -4.59 -22.62
CA ILE C 287 -34.03 -3.26 -22.23
C ILE C 287 -33.42 -2.19 -23.13
N LEU C 288 -32.23 -2.43 -23.65
CA LEU C 288 -31.53 -1.50 -24.51
C LEU C 288 -31.95 -1.61 -25.97
N GLY C 289 -32.99 -2.39 -26.27
CA GLY C 289 -33.39 -2.65 -27.64
C GLY C 289 -32.64 -3.75 -28.32
N VAL C 290 -31.56 -4.25 -27.72
CA VAL C 290 -30.81 -5.35 -28.30
C VAL C 290 -31.68 -6.60 -28.27
N ARG C 291 -32.20 -7.00 -29.42
CA ARG C 291 -33.14 -8.10 -29.53
C ARG C 291 -32.90 -8.82 -30.85
N PRO C 292 -33.26 -10.10 -30.95
CA PRO C 292 -33.05 -10.82 -32.21
C PRO C 292 -34.13 -10.49 -33.25
PA FAD D . 13.31 -7.13 26.09
O1A FAD D . 14.63 -7.60 25.63
O2A FAD D . 12.62 -7.99 27.14
O5B FAD D . 13.31 -5.66 26.63
C5B FAD D . 12.90 -4.55 25.80
C4B FAD D . 13.75 -3.36 26.12
O4B FAD D . 13.53 -2.94 27.49
C3B FAD D . 15.26 -3.57 25.98
O3B FAD D . 15.88 -2.40 25.46
C2B FAD D . 15.70 -3.85 27.41
O2B FAD D . 17.06 -3.49 27.64
C1B FAD D . 14.76 -2.94 28.20
N9A FAD D . 14.50 -3.39 29.57
C8A FAD D . 14.48 -4.67 30.03
N7A FAD D . 14.23 -4.77 31.32
C5A FAD D . 14.06 -3.46 31.72
C6A FAD D . 13.77 -2.88 32.97
N6A FAD D . 13.58 -3.58 34.09
N1A FAD D . 13.67 -1.53 33.03
C2A FAD D . 13.86 -0.82 31.92
N3A FAD D . 14.14 -1.26 30.69
C4A FAD D . 14.23 -2.59 30.65
N1 FAD D . 7.40 -7.92 18.06
C2 FAD D . 6.08 -8.27 18.01
O2 FAD D . 5.18 -7.46 18.29
N3 FAD D . 5.73 -9.54 17.63
C4 FAD D . 6.60 -10.56 17.28
O4 FAD D . 6.16 -11.67 16.95
C4X FAD D . 7.99 -10.18 17.34
N5 FAD D . 8.89 -11.08 17.03
C5X FAD D . 10.23 -10.72 17.09
C6 FAD D . 11.20 -11.66 16.76
C7 FAD D . 12.56 -11.35 16.80
C7M FAD D . 13.57 -12.40 16.44
C8 FAD D . 12.95 -10.05 17.19
C8M FAD D . 14.41 -9.68 17.24
C9 FAD D . 11.99 -9.11 17.51
C9A FAD D . 10.63 -9.43 17.47
N10 FAD D . 9.63 -8.49 17.80
C10 FAD D . 8.30 -8.83 17.75
C1' FAD D . 9.99 -7.13 18.20
C2' FAD D . 10.47 -7.02 19.64
O2' FAD D . 9.46 -7.48 20.53
C3' FAD D . 10.81 -5.57 19.95
O3' FAD D . 12.17 -5.32 19.61
C4' FAD D . 10.56 -5.16 21.40
O4' FAD D . 10.50 -3.73 21.47
C5' FAD D . 11.60 -5.71 22.35
O5' FAD D . 11.33 -7.10 22.61
P FAD D . 12.25 -7.94 23.59
O1P FAD D . 11.55 -9.23 24.02
O2P FAD D . 13.61 -8.15 23.02
O3P FAD D . 12.32 -6.99 24.84
PA FAD E . 9.40 28.25 -6.38
O1A FAD E . 8.26 27.46 -6.92
O2A FAD E . 10.78 27.61 -6.50
O5B FAD E . 9.45 29.66 -7.06
C5B FAD E . 8.37 30.60 -6.89
C4B FAD E . 8.22 31.37 -8.18
O4B FAD E . 9.44 31.33 -8.94
C3B FAD E . 7.10 30.88 -9.10
O3B FAD E . 6.27 31.97 -9.50
C2B FAD E . 7.85 30.26 -10.28
O2B FAD E . 7.14 30.44 -11.50
C1B FAD E . 9.13 31.11 -10.29
N9A FAD E . 10.27 30.47 -10.94
C8A FAD E . 10.74 29.19 -10.73
N7A FAD E . 11.78 28.87 -11.45
C5A FAD E . 12.03 30.01 -12.19
C6A FAD E . 13.00 30.34 -13.16
N6A FAD E . 13.95 29.49 -13.55
N1A FAD E . 12.97 31.57 -13.71
C2A FAD E . 12.02 32.42 -13.31
N3A FAD E . 11.05 32.24 -12.41
C4A FAD E . 11.11 31.00 -11.89
N1 FAD E . 8.19 29.45 3.30
C2 FAD E . 9.14 29.47 4.28
O2 FAD E . 9.91 30.41 4.43
N3 FAD E . 9.26 28.38 5.13
C4 FAD E . 8.49 27.23 5.10
O4 FAD E . 8.69 26.33 5.90
C4X FAD E . 7.48 27.24 4.05
N5 FAD E . 6.69 26.21 3.96
C5X FAD E . 5.73 26.20 2.95
C6 FAD E . 4.90 25.10 2.83
C7 FAD E . 3.92 25.05 1.84
C7M FAD E . 3.03 23.83 1.74
C8 FAD E . 3.77 26.13 0.95
C8M FAD E . 2.72 26.11 -0.12
C9 FAD E . 4.60 27.25 1.08
C9A FAD E . 5.59 27.28 2.06
N10 FAD E . 6.45 28.39 2.22
C10 FAD E . 7.41 28.39 3.20
C1' FAD E . 6.35 29.55 1.32
C2' FAD E . 7.17 29.39 0.05
O2' FAD E . 8.29 28.53 0.28
C3' FAD E . 7.70 30.76 -0.38
O3' FAD E . 6.79 31.77 0.05
C4' FAD E . 7.93 30.94 -1.88
O4' FAD E . 7.35 32.18 -2.28
C5' FAD E . 7.39 29.81 -2.75
O5' FAD E . 8.22 28.65 -2.58
P FAD E . 8.49 27.65 -3.76
O1P FAD E . 9.54 26.63 -3.31
O2P FAD E . 7.23 27.06 -4.29
O3P FAD E . 9.16 28.59 -4.85
PA FAD F . -2.06 -2.53 -16.29
O1A FAD F . -2.87 -1.88 -17.34
O2A FAD F . -0.59 -2.81 -16.62
O5B FAD F . -2.12 -1.74 -14.95
C5B FAD F . -1.68 -2.33 -13.71
C4B FAD F . -0.90 -1.30 -12.93
O4B FAD F . 0.40 -1.09 -13.53
C3B FAD F . -1.57 0.08 -12.83
O3B FAD F . -1.97 0.34 -11.50
C2B FAD F . -0.48 1.05 -13.31
O2B FAD F . -0.37 2.19 -12.46
C1B FAD F . 0.79 0.22 -13.21
N9A FAD F . 1.88 0.64 -14.10
C8A FAD F . 1.88 0.66 -15.47
N7A FAD F . 2.99 1.10 -15.99
C5A FAD F . 3.78 1.40 -14.90
C6A FAD F . 5.09 1.91 -14.78
N6A FAD F . 5.87 2.23 -15.82
N1A FAD F . 5.58 2.10 -13.53
C2A FAD F . 4.81 1.78 -12.48
N3A FAD F . 3.57 1.30 -12.48
C4A FAD F . 3.10 1.12 -13.72
N1 FAD F . -7.34 -11.24 -14.73
C2 FAD F . -7.05 -12.54 -15.04
O2 FAD F . -6.23 -13.19 -14.40
N3 FAD F . -7.70 -13.14 -16.11
C4 FAD F . -8.63 -12.55 -16.93
O4 FAD F . -9.13 -13.19 -17.87
C4X FAD F . -8.93 -11.17 -16.60
N5 FAD F . -9.81 -10.54 -17.32
C5X FAD F . -10.10 -9.22 -17.00
C6 FAD F . -11.04 -8.53 -17.77
C7 FAD F . -11.36 -7.20 -17.48
C7M FAD F . -12.38 -6.48 -18.33
C8 FAD F . -10.74 -6.55 -16.40
C8M FAD F . -11.06 -5.11 -16.07
C9 FAD F . -9.80 -7.24 -15.64
C9A FAD F . -9.48 -8.56 -15.92
N10 FAD F . -8.53 -9.29 -15.17
C10 FAD F . -8.23 -10.59 -15.47
C1' FAD F . -7.83 -8.67 -14.03
C2' FAD F . -6.60 -7.86 -14.46
O2' FAD F . -5.61 -8.72 -15.04
C3' FAD F . -6.03 -7.13 -13.25
O3' FAD F . -6.74 -5.92 -13.08
C4' FAD F . -4.52 -6.82 -13.35
O4' FAD F . -3.95 -6.86 -12.05
C5' FAD F . -4.24 -5.50 -14.02
O5' FAD F . -4.41 -5.63 -15.44
P FAD F . -4.10 -4.44 -16.42
O1P FAD F . -5.12 -3.32 -16.25
O2P FAD F . -3.95 -4.89 -17.81
O3P FAD F . -2.71 -3.91 -15.88
#